data_6RTV
#
_entry.id   6RTV
#
_cell.length_a   84.273
_cell.length_b   84.273
_cell.length_c   261.127
_cell.angle_alpha   90.000
_cell.angle_beta   90.000
_cell.angle_gamma   90.000
#
_symmetry.space_group_name_H-M   'P 41 21 2'
#
loop_
_entity.id
_entity.type
_entity.pdbx_description
1 polymer '4-O-methyl-glucuronoyl methylesterase'
2 non-polymer 2-acetamido-2-deoxy-beta-D-glucopyranose
3 non-polymer 1,2-ETHANEDIOL
4 non-polymer GLYCEROL
5 non-polymer 'SODIUM ION'
6 water water
#
_entity_poly.entity_id   1
_entity_poly.type   'polypeptide(L)'
_entity_poly.pdbx_seq_one_letter_code
;EAEAEFGACGAIASTVPNYNNAKLPDPFTFANGTALRTKADWSCRRAEISALIQNYEAGTLPPKPPVVTASFSKSGNTGT
LAITAGLSNSQTIKFSPTISYPSGTPPANGWPLIIAYEGGSIPIPAGVATLTYSNSDMAQQNSASSRGQGLFYQLYGSTH
SASAMTAWVWGVSRIIDALEMTPTAQINTQRIGVTGCARDGKGALMAGAFEERIALTIPQESGSGGDACWRLSKYEIDNG
NQVQDAVEIVGENVWFSTNFNNYVQKLPTVPEDHHLLAAMVAPRAMISFENTDYLWLSPMSSFGCMTAAHTVWQGLGIAD
SHGFAQVGGHAHCAWPSSLTPQLNAFINRFLLDQSATTNVFTTNNQFGKVQWNAANWITWTTPTLTENLYFQGVDHHHHH
H
;
_entity_poly.pdbx_strand_id   A,B
#
loop_
_chem_comp.id
_chem_comp.type
_chem_comp.name
_chem_comp.formula
EDO non-polymer 1,2-ETHANEDIOL 'C2 H6 O2'
GOL non-polymer GLYCEROL 'C3 H8 O3'
NA non-polymer 'SODIUM ION' 'Na 1'
NAG D-saccharide, beta linking 2-acetamido-2-deoxy-beta-D-glucopyranose 'C8 H15 N O6'
#
# COMPACT_ATOMS: atom_id res chain seq x y z
N GLU A 1 -32.06 -5.43 -26.63
CA GLU A 1 -33.48 -5.34 -26.97
C GLU A 1 -34.33 -5.60 -25.74
N ALA A 2 -35.59 -5.15 -25.79
CA ALA A 2 -36.55 -5.40 -24.71
C ALA A 2 -36.07 -4.79 -23.39
N GLU A 3 -35.44 -3.62 -23.46
CA GLU A 3 -34.99 -2.95 -22.25
C GLU A 3 -36.16 -2.56 -21.35
N ALA A 4 -37.31 -2.25 -21.93
CA ALA A 4 -38.46 -1.86 -21.13
C ALA A 4 -38.94 -2.97 -20.21
N GLU A 5 -38.60 -4.23 -20.51
CA GLU A 5 -38.99 -5.36 -19.68
C GLU A 5 -37.87 -5.87 -18.80
N PHE A 6 -36.62 -5.85 -19.28
CA PHE A 6 -35.52 -6.45 -18.57
C PHE A 6 -34.53 -5.47 -17.98
N GLY A 7 -34.60 -4.19 -18.35
CA GLY A 7 -33.66 -3.20 -17.85
C GLY A 7 -32.61 -2.83 -18.86
N ALA A 8 -31.59 -2.12 -18.36
CA ALA A 8 -30.60 -1.48 -19.23
C ALA A 8 -29.90 -2.47 -20.14
N CYS A 9 -29.74 -3.71 -19.72
CA CYS A 9 -29.01 -4.69 -20.52
C CYS A 9 -29.91 -5.49 -21.45
N GLY A 10 -31.22 -5.25 -21.42
CA GLY A 10 -32.11 -5.94 -22.33
C GLY A 10 -32.17 -7.44 -22.09
N ALA A 11 -32.50 -8.17 -23.15
CA ALA A 11 -32.74 -9.61 -23.06
C ALA A 11 -31.45 -10.37 -23.32
N ILE A 12 -30.59 -10.39 -22.30
CA ILE A 12 -29.35 -11.16 -22.37
C ILE A 12 -29.67 -12.62 -22.61
N ALA A 13 -28.82 -13.29 -23.37
CA ALA A 13 -29.06 -14.68 -23.70
C ALA A 13 -28.60 -15.58 -22.56
N SER A 14 -29.37 -16.63 -22.30
CA SER A 14 -28.92 -17.71 -21.43
CA SER A 14 -28.89 -17.70 -21.44
C SER A 14 -28.50 -18.95 -22.22
N THR A 15 -28.88 -19.03 -23.49
CA THR A 15 -28.48 -20.12 -24.35
C THR A 15 -28.10 -19.56 -25.72
N VAL A 16 -27.26 -20.30 -26.44
CA VAL A 16 -26.97 -20.02 -27.84
C VAL A 16 -27.08 -21.36 -28.57
N PRO A 17 -28.27 -21.75 -29.01
CA PRO A 17 -28.50 -23.15 -29.41
C PRO A 17 -27.68 -23.62 -30.61
N ASN A 18 -27.29 -22.72 -31.51
CA ASN A 18 -26.60 -23.05 -32.75
CA ASN A 18 -26.59 -23.15 -32.72
C ASN A 18 -25.08 -22.88 -32.66
N TYR A 19 -24.56 -22.62 -31.48
CA TYR A 19 -23.14 -22.28 -31.35
C TYR A 19 -22.27 -23.51 -31.67
N ASN A 20 -21.16 -23.26 -32.37
CA ASN A 20 -20.21 -24.35 -32.65
C ASN A 20 -18.89 -23.70 -33.05
N ASN A 21 -17.98 -23.59 -32.09
CA ASN A 21 -16.72 -22.89 -32.28
C ASN A 21 -15.65 -23.66 -31.51
N ALA A 22 -14.71 -24.26 -32.24
CA ALA A 22 -13.65 -25.01 -31.59
C ALA A 22 -12.63 -24.11 -30.91
N LYS A 23 -12.52 -22.85 -31.32
CA LYS A 23 -11.62 -21.90 -30.68
C LYS A 23 -12.34 -21.20 -29.53
N LEU A 24 -11.68 -20.26 -28.89
CA LEU A 24 -12.27 -19.63 -27.69
C LEU A 24 -13.36 -18.64 -28.09
N PRO A 25 -14.51 -18.67 -27.41
CA PRO A 25 -15.56 -17.66 -27.67
C PRO A 25 -15.05 -16.23 -27.56
N ASP A 26 -15.59 -15.37 -28.39
CA ASP A 26 -15.18 -13.96 -28.46
C ASP A 26 -15.77 -13.21 -27.28
N PRO A 27 -14.94 -12.65 -26.39
CA PRO A 27 -15.50 -11.84 -25.29
C PRO A 27 -16.27 -10.62 -25.77
N PHE A 28 -15.88 -10.09 -26.93
CA PHE A 28 -16.30 -8.75 -27.35
C PHE A 28 -17.50 -8.75 -28.30
N THR A 29 -18.20 -9.86 -28.43
CA THR A 29 -19.44 -9.89 -29.20
C THR A 29 -20.52 -10.56 -28.37
N PHE A 30 -21.65 -9.87 -28.23
CA PHE A 30 -22.79 -10.45 -27.53
C PHE A 30 -23.36 -11.63 -28.31
N ALA A 31 -24.17 -12.44 -27.62
CA ALA A 31 -24.80 -13.58 -28.27
C ALA A 31 -25.61 -13.18 -29.51
N ASN A 32 -26.21 -11.99 -29.50
CA ASN A 32 -27.01 -11.52 -30.64
C ASN A 32 -26.16 -10.97 -31.77
N GLY A 33 -24.84 -10.97 -31.66
CA GLY A 33 -24.01 -10.45 -32.73
C GLY A 33 -23.64 -8.99 -32.60
N THR A 34 -24.17 -8.28 -31.62
CA THR A 34 -23.75 -6.91 -31.36
C THR A 34 -22.33 -6.90 -30.81
N ALA A 35 -21.47 -6.08 -31.43
CA ALA A 35 -20.11 -5.93 -30.93
C ALA A 35 -20.06 -4.96 -29.75
N LEU A 36 -19.27 -5.29 -28.74
CA LEU A 36 -19.01 -4.36 -27.64
C LEU A 36 -18.15 -3.21 -28.14
N ARG A 37 -18.49 -1.99 -27.70
N ARG A 37 -18.49 -1.99 -27.70
CA ARG A 37 -17.79 -0.79 -28.13
CA ARG A 37 -17.77 -0.80 -28.13
C ARG A 37 -17.40 0.10 -26.96
C ARG A 37 -17.41 0.13 -26.97
N THR A 38 -18.23 0.14 -25.93
CA THR A 38 -18.02 1.02 -24.78
C THR A 38 -17.69 0.22 -23.52
N LYS A 39 -17.11 0.93 -22.54
CA LYS A 39 -16.87 0.29 -21.24
C LYS A 39 -18.19 -0.10 -20.58
N ALA A 40 -19.24 0.69 -20.78
CA ALA A 40 -20.55 0.32 -20.24
C ALA A 40 -21.06 -0.98 -20.84
N ASP A 41 -20.77 -1.22 -22.13
CA ASP A 41 -21.16 -2.48 -22.75
C ASP A 41 -20.62 -3.68 -21.97
N TRP A 42 -19.46 -3.54 -21.33
CA TRP A 42 -18.90 -4.68 -20.63
C TRP A 42 -19.81 -5.14 -19.50
N SER A 43 -20.42 -4.20 -18.79
CA SER A 43 -21.32 -4.57 -17.70
CA SER A 43 -21.32 -4.57 -17.70
C SER A 43 -22.43 -5.49 -18.20
N CYS A 44 -23.01 -5.18 -19.36
CA CYS A 44 -24.07 -6.02 -19.90
C CYS A 44 -23.51 -7.33 -20.43
N ARG A 45 -22.36 -7.31 -21.08
CA ARG A 45 -21.77 -8.55 -21.56
C ARG A 45 -21.41 -9.48 -20.39
N ARG A 46 -20.92 -8.91 -19.28
CA ARG A 46 -20.66 -9.72 -18.10
C ARG A 46 -21.94 -10.36 -17.57
N ALA A 47 -23.06 -9.62 -17.58
CA ALA A 47 -24.33 -10.18 -17.15
C ALA A 47 -24.75 -11.33 -18.05
N GLU A 48 -24.54 -11.18 -19.36
CA GLU A 48 -24.86 -12.26 -20.28
C GLU A 48 -23.95 -13.46 -20.06
N ILE A 49 -22.65 -13.22 -19.85
CA ILE A 49 -21.73 -14.32 -19.55
C ILE A 49 -22.16 -15.06 -18.30
N SER A 50 -22.57 -14.32 -17.26
CA SER A 50 -23.06 -14.96 -16.05
C SER A 50 -24.22 -15.90 -16.35
N ALA A 51 -25.17 -15.44 -17.18
CA ALA A 51 -26.32 -16.28 -17.53
C ALA A 51 -25.89 -17.50 -18.32
N LEU A 52 -24.95 -17.34 -19.24
CA LEU A 52 -24.47 -18.47 -20.04
C LEU A 52 -23.73 -19.49 -19.19
N ILE A 53 -22.87 -19.03 -18.28
CA ILE A 53 -22.15 -19.96 -17.41
C ILE A 53 -23.12 -20.71 -16.50
N GLN A 54 -24.10 -19.99 -15.93
CA GLN A 54 -25.09 -20.67 -15.12
C GLN A 54 -25.85 -21.72 -15.93
N ASN A 55 -26.19 -21.41 -17.18
CA ASN A 55 -26.98 -22.34 -17.98
C ASN A 55 -26.18 -23.60 -18.33
N TYR A 56 -24.93 -23.43 -18.76
CA TYR A 56 -24.17 -24.56 -19.31
C TYR A 56 -23.38 -25.34 -18.26
N GLU A 57 -22.87 -24.69 -17.20
CA GLU A 57 -21.97 -25.43 -16.33
C GLU A 57 -22.11 -25.16 -14.83
N ALA A 58 -22.73 -24.05 -14.40
CA ALA A 58 -22.70 -23.71 -12.98
C ALA A 58 -24.02 -23.90 -12.26
N GLY A 59 -25.13 -24.02 -12.98
CA GLY A 59 -26.45 -24.07 -12.36
C GLY A 59 -26.85 -22.68 -11.86
N THR A 60 -28.02 -22.64 -11.22
CA THR A 60 -28.66 -21.38 -10.87
C THR A 60 -28.07 -20.80 -9.59
N LEU A 61 -27.60 -19.54 -9.67
CA LEU A 61 -27.13 -18.83 -8.50
C LEU A 61 -28.31 -18.04 -7.91
N PRO A 62 -28.87 -18.45 -6.78
CA PRO A 62 -30.01 -17.71 -6.23
C PRO A 62 -29.60 -16.32 -5.79
N PRO A 63 -30.51 -15.35 -5.85
CA PRO A 63 -30.20 -14.01 -5.34
C PRO A 63 -30.27 -14.02 -3.81
N LYS A 64 -29.97 -12.86 -3.23
CA LYS A 64 -30.09 -12.71 -1.79
C LYS A 64 -31.47 -13.12 -1.32
N PRO A 65 -31.58 -13.98 -0.30
CA PRO A 65 -32.87 -14.41 0.19
C PRO A 65 -33.49 -13.34 1.07
N PRO A 66 -34.78 -13.44 1.39
CA PRO A 66 -35.44 -12.34 2.12
C PRO A 66 -35.01 -12.19 3.57
N VAL A 67 -34.45 -13.23 4.18
CA VAL A 67 -33.94 -13.13 5.54
C VAL A 67 -32.43 -13.36 5.51
N VAL A 68 -31.67 -12.36 5.97
CA VAL A 68 -30.26 -12.54 6.30
C VAL A 68 -30.01 -11.76 7.57
N THR A 69 -29.59 -12.46 8.63
CA THR A 69 -29.28 -11.82 9.90
C THR A 69 -27.89 -12.25 10.35
N ALA A 70 -27.32 -11.46 11.26
CA ALA A 70 -25.98 -11.79 11.75
C ALA A 70 -25.77 -11.23 13.14
N SER A 71 -25.03 -11.97 13.96
CA SER A 71 -24.57 -11.50 15.25
C SER A 71 -23.09 -11.79 15.34
N PHE A 72 -22.39 -10.98 16.13
CA PHE A 72 -20.94 -11.05 16.19
C PHE A 72 -20.49 -11.10 17.63
N SER A 73 -19.52 -11.96 17.90
CA SER A 73 -18.86 -11.99 19.19
C SER A 73 -17.37 -12.19 18.95
N LYS A 74 -16.57 -11.80 19.93
CA LYS A 74 -15.13 -11.89 19.77
C LYS A 74 -14.51 -12.40 21.07
N SER A 75 -13.51 -13.26 20.91
CA SER A 75 -12.72 -13.78 22.03
C SER A 75 -11.26 -13.72 21.60
N GLY A 76 -10.45 -13.00 22.37
CA GLY A 76 -9.08 -12.79 21.95
C GLY A 76 -9.06 -12.04 20.63
N ASN A 77 -8.29 -12.56 19.68
CA ASN A 77 -8.23 -11.98 18.34
C ASN A 77 -9.10 -12.73 17.33
N THR A 78 -10.08 -13.49 17.80
CA THR A 78 -10.91 -14.32 16.92
C THR A 78 -12.36 -13.88 17.05
N GLY A 79 -12.94 -13.43 15.94
CA GLY A 79 -14.35 -13.12 15.89
C GLY A 79 -15.13 -14.28 15.31
N THR A 80 -16.38 -14.42 15.75
CA THR A 80 -17.32 -15.38 15.18
C THR A 80 -18.52 -14.61 14.65
N LEU A 81 -18.81 -14.78 13.37
CA LEU A 81 -19.89 -14.08 12.69
C LEU A 81 -20.99 -15.12 12.46
N ALA A 82 -22.03 -15.09 13.31
CA ALA A 82 -23.09 -16.08 13.28
C ALA A 82 -24.18 -15.59 12.34
N ILE A 83 -24.34 -16.27 11.21
CA ILE A 83 -25.22 -15.84 10.13
C ILE A 83 -26.42 -16.77 10.04
N THR A 84 -27.59 -16.20 9.77
CA THR A 84 -28.80 -16.95 9.47
C THR A 84 -29.32 -16.47 8.13
N ALA A 85 -29.72 -17.40 7.27
CA ALA A 85 -30.31 -17.08 5.98
C ALA A 85 -31.61 -17.85 5.84
N GLY A 86 -32.64 -17.20 5.30
CA GLY A 86 -33.95 -17.81 5.24
C GLY A 86 -34.74 -17.37 4.04
N LEU A 87 -35.63 -18.23 3.58
CA LEU A 87 -36.47 -18.02 2.41
C LEU A 87 -37.87 -17.55 2.83
N SER A 88 -38.66 -17.16 1.83
CA SER A 88 -40.00 -16.65 2.09
C SER A 88 -40.92 -17.73 2.65
N ASN A 89 -40.54 -19.00 2.54
CA ASN A 89 -41.35 -20.10 3.06
C ASN A 89 -40.97 -20.50 4.48
N SER A 90 -40.12 -19.71 5.14
CA SER A 90 -39.68 -19.87 6.53
C SER A 90 -38.44 -20.75 6.68
N GLN A 91 -38.03 -21.46 5.64
CA GLN A 91 -36.88 -22.35 5.77
C GLN A 91 -35.64 -21.52 6.10
N THR A 92 -34.82 -22.01 7.02
CA THR A 92 -33.62 -21.29 7.40
C THR A 92 -32.45 -22.24 7.57
N ILE A 93 -31.25 -21.70 7.39
CA ILE A 93 -29.99 -22.36 7.72
C ILE A 93 -29.13 -21.36 8.49
N LYS A 94 -28.12 -21.88 9.17
CA LYS A 94 -27.20 -21.04 9.93
CA LYS A 94 -27.20 -21.04 9.93
C LYS A 94 -25.77 -21.52 9.71
N PHE A 95 -24.83 -20.58 9.64
CA PHE A 95 -23.41 -20.92 9.58
C PHE A 95 -22.63 -19.78 10.23
N SER A 96 -21.45 -20.13 10.77
CA SER A 96 -20.69 -19.22 11.65
C SER A 96 -19.21 -19.19 11.30
N PRO A 97 -18.85 -18.50 10.22
CA PRO A 97 -17.42 -18.33 9.92
C PRO A 97 -16.72 -17.54 11.02
N THR A 98 -15.41 -17.76 11.14
CA THR A 98 -14.58 -17.06 12.11
C THR A 98 -13.60 -16.13 11.40
N ILE A 99 -13.19 -15.08 12.10
CA ILE A 99 -12.27 -14.08 11.57
C ILE A 99 -11.09 -13.97 12.52
N SER A 100 -9.88 -14.05 11.96
CA SER A 100 -8.66 -13.82 12.71
C SER A 100 -8.21 -12.38 12.46
N TYR A 101 -8.08 -11.60 13.54
CA TYR A 101 -7.79 -10.18 13.47
C TYR A 101 -6.36 -9.87 13.84
N PRO A 102 -5.72 -8.94 13.15
CA PRO A 102 -4.51 -8.31 13.70
C PRO A 102 -4.86 -7.68 15.05
N SER A 103 -3.86 -7.57 15.92
CA SER A 103 -4.14 -6.96 17.23
C SER A 103 -4.09 -5.44 17.14
N GLY A 104 -4.68 -4.79 18.15
CA GLY A 104 -4.65 -3.34 18.26
C GLY A 104 -5.75 -2.62 17.52
N THR A 105 -5.57 -1.29 17.42
CA THR A 105 -6.58 -0.41 16.83
C THR A 105 -6.63 -0.63 15.31
N PRO A 106 -7.82 -0.79 14.73
CA PRO A 106 -7.91 -0.95 13.27
C PRO A 106 -7.81 0.39 12.56
N PRO A 107 -7.61 0.37 11.24
CA PRO A 107 -7.75 1.60 10.46
C PRO A 107 -9.14 2.20 10.65
N ALA A 108 -9.26 3.49 10.33
CA ALA A 108 -10.51 4.20 10.58
C ALA A 108 -11.70 3.50 9.93
N ASN A 109 -11.51 2.96 8.73
CA ASN A 109 -12.62 2.32 8.02
C ASN A 109 -12.74 0.82 8.28
N GLY A 110 -11.98 0.28 9.23
CA GLY A 110 -11.97 -1.14 9.51
C GLY A 110 -10.81 -1.86 8.85
N TRP A 111 -10.65 -3.15 9.23
CA TRP A 111 -9.59 -3.96 8.64
C TRP A 111 -9.98 -4.41 7.23
N PRO A 112 -9.05 -4.35 6.28
CA PRO A 112 -9.22 -5.13 5.06
C PRO A 112 -9.25 -6.61 5.41
N LEU A 113 -9.88 -7.40 4.54
CA LEU A 113 -10.19 -8.77 4.88
C LEU A 113 -10.01 -9.64 3.65
N ILE A 114 -9.44 -10.83 3.85
CA ILE A 114 -9.45 -11.87 2.82
C ILE A 114 -10.32 -13.00 3.31
N ILE A 115 -11.34 -13.33 2.51
CA ILE A 115 -12.16 -14.52 2.71
C ILE A 115 -11.40 -15.70 2.14
N ALA A 116 -10.94 -16.59 3.01
CA ALA A 116 -10.07 -17.71 2.62
C ALA A 116 -10.85 -19.02 2.71
N TYR A 117 -11.10 -19.63 1.55
CA TYR A 117 -11.76 -20.92 1.48
C TYR A 117 -10.94 -21.95 2.24
N GLU A 118 -11.52 -22.53 3.29
CA GLU A 118 -10.84 -23.51 4.14
CA GLU A 118 -10.85 -23.49 4.16
C GLU A 118 -9.49 -22.98 4.65
N GLY A 119 -9.39 -21.67 4.85
CA GLY A 119 -8.17 -21.05 5.35
C GLY A 119 -7.20 -20.61 4.28
N GLY A 120 -7.34 -21.10 3.06
CA GLY A 120 -6.43 -20.74 1.98
C GLY A 120 -5.05 -21.36 2.16
N SER A 121 -4.20 -21.10 1.16
CA SER A 121 -2.82 -21.56 1.20
CA SER A 121 -2.82 -21.57 1.18
C SER A 121 -1.83 -20.48 0.79
N ILE A 122 -2.23 -19.21 0.93
CA ILE A 122 -1.31 -18.09 0.69
C ILE A 122 -0.92 -17.44 2.00
N PRO A 123 0.27 -16.84 2.08
CA PRO A 123 0.63 -16.04 3.26
C PRO A 123 -0.16 -14.74 3.21
N ILE A 124 -0.94 -14.49 4.24
CA ILE A 124 -1.76 -13.29 4.33
C ILE A 124 -1.01 -12.27 5.18
N PRO A 125 -0.82 -11.04 4.69
CA PRO A 125 -0.01 -10.06 5.45
C PRO A 125 -0.63 -9.73 6.79
N ALA A 126 0.21 -9.23 7.68
CA ALA A 126 -0.19 -9.04 9.08
C ALA A 126 -1.24 -7.95 9.25
N GLY A 127 -1.38 -7.02 8.31
CA GLY A 127 -2.39 -5.99 8.40
C GLY A 127 -3.72 -6.32 7.75
N VAL A 128 -3.92 -7.57 7.34
CA VAL A 128 -5.16 -8.00 6.68
C VAL A 128 -5.78 -9.07 7.57
N ALA A 129 -7.06 -8.92 7.88
CA ALA A 129 -7.77 -9.94 8.64
C ALA A 129 -8.12 -11.12 7.72
N THR A 130 -8.23 -12.32 8.30
CA THR A 130 -8.54 -13.52 7.54
C THR A 130 -9.85 -14.12 8.02
N LEU A 131 -10.81 -14.28 7.13
CA LEU A 131 -12.04 -14.99 7.44
C LEU A 131 -11.90 -16.40 6.90
N THR A 132 -12.07 -17.39 7.76
CA THR A 132 -12.02 -18.79 7.36
C THR A 132 -13.43 -19.21 6.99
N TYR A 133 -13.64 -19.49 5.71
CA TYR A 133 -14.93 -19.90 5.16
C TYR A 133 -14.91 -21.39 4.94
N SER A 134 -15.81 -22.12 5.62
CA SER A 134 -15.91 -23.56 5.46
CA SER A 134 -15.91 -23.57 5.45
C SER A 134 -16.84 -23.84 4.28
N ASN A 135 -16.29 -23.66 3.07
CA ASN A 135 -17.12 -23.88 1.88
C ASN A 135 -17.61 -25.32 1.80
N SER A 136 -16.84 -26.29 2.29
CA SER A 136 -17.28 -27.68 2.22
C SER A 136 -18.54 -27.91 3.03
N ASP A 137 -18.74 -27.14 4.11
CA ASP A 137 -19.98 -27.24 4.87
C ASP A 137 -21.14 -26.69 4.07
N MET A 138 -20.90 -25.63 3.31
CA MET A 138 -21.94 -25.02 2.49
C MET A 138 -22.38 -25.93 1.36
N ALA A 139 -21.42 -26.61 0.72
CA ALA A 139 -21.73 -27.62 -0.29
C ALA A 139 -20.59 -28.64 -0.28
N GLN A 140 -20.94 -29.88 0.04
CA GLN A 140 -19.96 -30.95 0.18
C GLN A 140 -19.28 -31.26 -1.15
N GLN A 141 -18.06 -31.79 -1.08
CA GLN A 141 -17.25 -31.97 -2.29
C GLN A 141 -16.31 -33.15 -2.14
N ASN A 142 -16.84 -34.28 -1.62
CA ASN A 142 -16.00 -35.47 -1.46
C ASN A 142 -15.83 -36.20 -2.78
N SER A 143 -16.91 -36.31 -3.56
CA SER A 143 -16.92 -37.04 -4.82
C SER A 143 -18.28 -36.85 -5.47
N ALA A 144 -18.55 -37.62 -6.55
CA ALA A 144 -19.88 -37.57 -7.15
C ALA A 144 -20.98 -37.89 -6.15
N SER A 145 -20.66 -38.62 -5.08
CA SER A 145 -21.64 -38.95 -4.06
C SER A 145 -22.18 -37.73 -3.32
N SER A 146 -21.48 -36.60 -3.37
CA SER A 146 -21.85 -35.43 -2.59
C SER A 146 -22.94 -34.60 -3.23
N ARG A 147 -23.47 -35.00 -4.38
CA ARG A 147 -24.40 -34.14 -5.12
C ARG A 147 -25.57 -33.72 -4.25
N GLY A 148 -25.80 -32.42 -4.18
CA GLY A 148 -26.95 -31.90 -3.48
C GLY A 148 -26.85 -31.93 -1.98
N GLN A 149 -25.65 -32.15 -1.42
CA GLN A 149 -25.46 -32.22 0.03
C GLN A 149 -24.70 -30.99 0.51
N GLY A 150 -25.14 -30.44 1.65
CA GLY A 150 -24.53 -29.25 2.22
C GLY A 150 -25.57 -28.27 2.72
N LEU A 151 -25.15 -27.30 3.54
CA LEU A 151 -26.10 -26.34 4.10
C LEU A 151 -26.91 -25.64 3.03
N PHE A 152 -26.27 -25.26 1.91
CA PHE A 152 -27.01 -24.56 0.85
C PHE A 152 -28.24 -25.37 0.43
N TYR A 153 -28.11 -26.69 0.31
CA TYR A 153 -29.20 -27.53 -0.14
C TYR A 153 -30.22 -27.80 0.96
N GLN A 154 -29.83 -27.62 2.24
CA GLN A 154 -30.80 -27.64 3.33
C GLN A 154 -31.69 -26.41 3.31
N LEU A 155 -31.30 -25.37 2.57
CA LEU A 155 -32.15 -24.21 2.35
C LEU A 155 -32.92 -24.30 1.04
N TYR A 156 -32.25 -24.62 -0.07
CA TYR A 156 -32.84 -24.55 -1.40
C TYR A 156 -33.33 -25.88 -1.93
N GLY A 157 -32.99 -26.99 -1.27
CA GLY A 157 -33.37 -28.31 -1.74
C GLY A 157 -32.21 -29.06 -2.38
N SER A 158 -32.14 -30.37 -2.13
CA SER A 158 -31.02 -31.17 -2.63
C SER A 158 -31.04 -31.33 -4.16
N THR A 159 -32.17 -31.07 -4.82
CA THR A 159 -32.22 -31.12 -6.28
C THR A 159 -32.03 -29.77 -6.95
N HIS A 160 -31.75 -28.71 -6.18
CA HIS A 160 -31.47 -27.41 -6.76
C HIS A 160 -30.29 -27.52 -7.72
N SER A 161 -30.36 -26.76 -8.82
CA SER A 161 -29.38 -26.94 -9.89
C SER A 161 -28.00 -26.37 -9.60
N ALA A 162 -27.86 -25.51 -8.58
CA ALA A 162 -26.56 -24.93 -8.30
C ALA A 162 -25.51 -26.02 -8.11
N SER A 163 -24.38 -25.90 -8.82
CA SER A 163 -23.22 -26.73 -8.52
C SER A 163 -22.69 -26.41 -7.12
N ALA A 164 -21.80 -27.27 -6.62
CA ALA A 164 -21.21 -26.96 -5.32
C ALA A 164 -20.53 -25.60 -5.33
N MET A 165 -19.88 -25.22 -6.44
CA MET A 165 -19.14 -23.96 -6.44
C MET A 165 -20.08 -22.77 -6.46
N THR A 166 -21.21 -22.88 -7.15
CA THR A 166 -22.21 -21.84 -7.13
C THR A 166 -22.80 -21.69 -5.72
N ALA A 167 -23.10 -22.81 -5.07
CA ALA A 167 -23.50 -22.76 -3.67
C ALA A 167 -22.44 -22.04 -2.82
N TRP A 168 -21.16 -22.32 -3.06
CA TRP A 168 -20.12 -21.64 -2.29
C TRP A 168 -20.18 -20.13 -2.51
N VAL A 169 -20.38 -19.71 -3.77
CA VAL A 169 -20.48 -18.27 -4.07
C VAL A 169 -21.62 -17.65 -3.26
N TRP A 170 -22.78 -18.29 -3.28
CA TRP A 170 -23.93 -17.79 -2.52
C TRP A 170 -23.54 -17.57 -1.06
N GLY A 171 -22.78 -18.50 -0.49
CA GLY A 171 -22.35 -18.35 0.89
C GLY A 171 -21.46 -17.13 1.09
N VAL A 172 -20.53 -16.90 0.16
CA VAL A 172 -19.70 -15.69 0.24
C VAL A 172 -20.55 -14.44 0.21
N SER A 173 -21.55 -14.41 -0.68
CA SER A 173 -22.42 -13.24 -0.78
C SER A 173 -23.14 -12.99 0.54
N ARG A 174 -23.58 -14.06 1.22
CA ARG A 174 -24.21 -13.89 2.52
C ARG A 174 -23.23 -13.41 3.57
N ILE A 175 -21.97 -13.87 3.51
CA ILE A 175 -20.96 -13.39 4.43
C ILE A 175 -20.77 -11.89 4.28
N ILE A 176 -20.70 -11.41 3.04
CA ILE A 176 -20.52 -9.98 2.83
C ILE A 176 -21.77 -9.21 3.27
N ASP A 177 -22.96 -9.75 2.99
CA ASP A 177 -24.19 -9.14 3.52
C ASP A 177 -24.08 -9.00 5.03
N ALA A 178 -23.67 -10.07 5.71
CA ALA A 178 -23.54 -10.06 7.17
C ALA A 178 -22.55 -9.00 7.63
N LEU A 179 -21.38 -8.92 6.97
CA LEU A 179 -20.39 -7.92 7.36
C LEU A 179 -20.93 -6.51 7.19
N GLU A 180 -21.67 -6.25 6.11
CA GLU A 180 -22.19 -4.91 5.85
C GLU A 180 -23.24 -4.47 6.86
N MET A 181 -23.84 -5.41 7.60
CA MET A 181 -24.82 -5.07 8.63
C MET A 181 -24.25 -5.22 10.04
N THR A 182 -22.96 -5.48 10.17
CA THR A 182 -22.35 -5.79 11.47
C THR A 182 -21.13 -4.90 11.68
N PRO A 183 -21.33 -3.64 12.06
CA PRO A 183 -20.19 -2.73 12.26
C PRO A 183 -19.22 -3.20 13.32
N THR A 184 -19.67 -3.96 14.32
CA THR A 184 -18.75 -4.39 15.37
C THR A 184 -17.72 -5.40 14.88
N ALA A 185 -17.91 -5.97 13.69
CA ALA A 185 -16.88 -6.84 13.13
C ALA A 185 -15.68 -6.05 12.63
N GLN A 186 -15.80 -4.73 12.50
CA GLN A 186 -14.66 -3.85 12.24
C GLN A 186 -13.95 -4.22 10.94
N ILE A 187 -14.73 -4.53 9.91
CA ILE A 187 -14.20 -4.88 8.60
C ILE A 187 -14.50 -3.75 7.62
N ASN A 188 -13.52 -3.40 6.80
CA ASN A 188 -13.72 -2.48 5.70
C ASN A 188 -14.29 -3.29 4.54
N THR A 189 -15.61 -3.21 4.35
CA THR A 189 -16.25 -4.05 3.35
C THR A 189 -15.98 -3.60 1.92
N GLN A 190 -15.32 -2.44 1.73
CA GLN A 190 -14.83 -2.02 0.43
C GLN A 190 -13.46 -2.59 0.10
N ARG A 191 -12.86 -3.36 1.00
CA ARG A 191 -11.53 -3.92 0.79
C ARG A 191 -11.53 -5.39 1.20
N ILE A 192 -12.35 -6.19 0.51
CA ILE A 192 -12.47 -7.63 0.75
C ILE A 192 -11.86 -8.37 -0.44
N GLY A 193 -10.97 -9.31 -0.15
CA GLY A 193 -10.47 -10.23 -1.15
C GLY A 193 -10.97 -11.65 -0.89
N VAL A 194 -10.68 -12.54 -1.84
CA VAL A 194 -11.05 -13.95 -1.72
C VAL A 194 -9.89 -14.81 -2.24
N THR A 195 -9.65 -15.95 -1.59
CA THR A 195 -8.57 -16.84 -2.01
C THR A 195 -8.93 -18.29 -1.69
N GLY A 196 -8.27 -19.20 -2.40
CA GLY A 196 -8.30 -20.60 -2.06
C GLY A 196 -7.35 -21.33 -2.98
N CYS A 197 -7.00 -22.56 -2.60
CA CYS A 197 -6.06 -23.36 -3.38
C CYS A 197 -6.73 -24.64 -3.88
N ALA A 198 -6.30 -25.08 -5.06
CA ALA A 198 -6.72 -26.38 -5.63
C ALA A 198 -8.23 -26.33 -5.86
N ARG A 199 -9.00 -27.32 -5.41
CA ARG A 199 -10.45 -27.25 -5.59
C ARG A 199 -11.01 -25.97 -4.99
N ASP A 200 -10.43 -25.50 -3.87
CA ASP A 200 -10.88 -24.25 -3.28
C ASP A 200 -10.44 -23.03 -4.08
N GLY A 201 -9.43 -23.18 -4.95
CA GLY A 201 -9.06 -22.14 -5.89
C GLY A 201 -10.02 -22.03 -7.05
N LYS A 202 -10.53 -23.17 -7.54
CA LYS A 202 -11.66 -23.13 -8.45
C LYS A 202 -12.81 -22.36 -7.81
N GLY A 203 -13.06 -22.64 -6.52
CA GLY A 203 -14.13 -21.94 -5.82
C GLY A 203 -13.89 -20.45 -5.72
N ALA A 204 -12.65 -20.06 -5.38
CA ALA A 204 -12.35 -18.63 -5.19
C ALA A 204 -12.52 -17.86 -6.49
N LEU A 205 -12.12 -18.46 -7.63
CA LEU A 205 -12.34 -17.80 -8.91
C LEU A 205 -13.83 -17.57 -9.17
N MET A 206 -14.65 -18.59 -8.92
CA MET A 206 -16.10 -18.43 -9.06
C MET A 206 -16.62 -17.30 -8.19
N ALA A 207 -16.14 -17.20 -6.95
CA ALA A 207 -16.60 -16.16 -6.04
C ALA A 207 -16.25 -14.77 -6.57
N GLY A 208 -15.00 -14.58 -6.97
CA GLY A 208 -14.63 -13.28 -7.49
C GLY A 208 -15.38 -12.92 -8.75
N ALA A 209 -15.61 -13.92 -9.61
CA ALA A 209 -16.32 -13.66 -10.86
C ALA A 209 -17.75 -13.18 -10.61
N PHE A 210 -18.48 -13.88 -9.72
CA PHE A 210 -19.91 -13.68 -9.59
C PHE A 210 -20.30 -12.67 -8.51
N GLU A 211 -19.46 -12.44 -7.51
CA GLU A 211 -19.77 -11.53 -6.40
C GLU A 211 -18.97 -10.24 -6.55
N GLU A 212 -19.62 -9.19 -7.03
CA GLU A 212 -18.93 -7.97 -7.43
C GLU A 212 -18.43 -7.12 -6.27
N ARG A 213 -18.78 -7.44 -5.03
CA ARG A 213 -18.21 -6.73 -3.88
C ARG A 213 -16.82 -7.22 -3.50
N ILE A 214 -16.27 -8.20 -4.22
CA ILE A 214 -14.91 -8.67 -3.95
C ILE A 214 -13.93 -7.81 -4.73
N ALA A 215 -13.05 -7.11 -4.01
CA ALA A 215 -12.11 -6.19 -4.65
C ALA A 215 -10.89 -6.90 -5.22
N LEU A 216 -10.51 -8.06 -4.71
CA LEU A 216 -9.33 -8.74 -5.20
C LEU A 216 -9.54 -10.25 -5.12
N THR A 217 -9.33 -10.94 -6.23
CA THR A 217 -9.55 -12.38 -6.32
C THR A 217 -8.20 -13.08 -6.51
N ILE A 218 -7.94 -14.12 -5.72
CA ILE A 218 -6.62 -14.78 -5.73
C ILE A 218 -6.77 -16.29 -5.82
N PRO A 219 -7.00 -16.87 -7.00
CA PRO A 219 -7.05 -18.32 -7.14
C PRO A 219 -5.64 -18.90 -7.22
N GLN A 220 -5.39 -19.95 -6.45
CA GLN A 220 -4.07 -20.54 -6.32
C GLN A 220 -4.12 -21.98 -6.83
N GLU A 221 -3.33 -22.28 -7.86
CA GLU A 221 -3.25 -23.64 -8.41
C GLU A 221 -4.63 -24.27 -8.60
N SER A 222 -5.51 -23.54 -9.29
CA SER A 222 -6.90 -23.96 -9.44
C SER A 222 -7.10 -24.98 -10.56
N GLY A 223 -6.23 -24.99 -11.57
CA GLY A 223 -6.26 -26.06 -12.56
C GLY A 223 -7.54 -26.12 -13.38
N SER A 224 -7.87 -27.35 -13.81
CA SER A 224 -9.03 -27.57 -14.65
C SER A 224 -10.30 -27.22 -13.88
N GLY A 225 -11.22 -26.50 -14.54
CA GLY A 225 -12.39 -26.00 -13.85
C GLY A 225 -12.13 -24.73 -13.07
N GLY A 226 -10.88 -24.26 -13.08
CA GLY A 226 -10.49 -22.99 -12.48
C GLY A 226 -10.00 -22.07 -13.57
N ASP A 227 -8.73 -21.66 -13.50
CA ASP A 227 -8.22 -20.73 -14.49
C ASP A 227 -7.73 -21.39 -15.79
N ALA A 228 -7.93 -22.70 -15.95
CA ALA A 228 -7.75 -23.36 -17.24
C ALA A 228 -9.06 -23.32 -18.04
N CYS A 229 -8.92 -23.39 -19.36
CA CYS A 229 -10.07 -23.43 -20.26
C CYS A 229 -10.38 -24.86 -20.68
N TRP A 230 -11.67 -25.18 -20.82
CA TRP A 230 -12.07 -26.53 -21.22
C TRP A 230 -11.50 -26.90 -22.58
N ARG A 231 -11.61 -25.99 -23.56
CA ARG A 231 -11.18 -26.33 -24.92
C ARG A 231 -9.69 -26.60 -24.98
N LEU A 232 -8.90 -25.81 -24.26
CA LEU A 232 -7.46 -25.99 -24.29
C LEU A 232 -7.05 -27.27 -23.58
N SER A 233 -7.75 -27.61 -22.48
CA SER A 233 -7.43 -28.85 -21.78
C SER A 233 -7.78 -30.08 -22.62
N LYS A 234 -8.84 -30.00 -23.43
CA LYS A 234 -9.14 -31.09 -24.35
C LYS A 234 -8.01 -31.26 -25.35
N TYR A 235 -7.47 -30.14 -25.85
CA TYR A 235 -6.33 -30.22 -26.75
C TYR A 235 -5.13 -30.88 -26.06
N GLU A 236 -4.90 -30.53 -24.79
CA GLU A 236 -3.78 -31.14 -24.06
C GLU A 236 -3.97 -32.64 -23.91
N ILE A 237 -5.16 -33.08 -23.49
CA ILE A 237 -5.34 -34.49 -23.21
C ILE A 237 -5.28 -35.31 -24.49
N ASP A 238 -5.78 -34.75 -25.59
CA ASP A 238 -5.71 -35.45 -26.87
C ASP A 238 -4.28 -35.59 -27.35
N ASN A 239 -3.36 -34.75 -26.86
CA ASN A 239 -1.96 -34.80 -27.30
C ASN A 239 -1.04 -35.39 -26.24
N GLY A 240 -1.59 -36.07 -25.25
CA GLY A 240 -0.78 -36.94 -24.42
C GLY A 240 -0.33 -36.36 -23.09
N ASN A 241 -0.68 -35.11 -22.77
CA ASN A 241 -0.47 -34.62 -21.42
C ASN A 241 -1.54 -35.19 -20.51
N GLN A 242 -1.14 -35.64 -19.33
CA GLN A 242 -2.07 -36.26 -18.40
CA GLN A 242 -2.06 -36.26 -18.39
C GLN A 242 -2.74 -35.18 -17.53
N VAL A 243 -3.63 -34.44 -18.19
CA VAL A 243 -4.31 -33.31 -17.57
C VAL A 243 -5.68 -33.75 -17.09
N GLN A 244 -6.20 -33.01 -16.12
CA GLN A 244 -7.63 -33.06 -15.83
C GLN A 244 -8.39 -32.32 -16.92
N ASP A 245 -9.54 -32.86 -17.32
CA ASP A 245 -10.34 -32.27 -18.39
C ASP A 245 -11.81 -32.33 -18.03
N ALA A 246 -12.63 -31.67 -18.87
CA ALA A 246 -14.07 -31.60 -18.62
C ALA A 246 -14.69 -32.98 -18.43
N VAL A 247 -14.30 -33.96 -19.25
CA VAL A 247 -14.92 -35.28 -19.19
C VAL A 247 -14.66 -35.94 -17.84
N GLU A 248 -13.43 -35.87 -17.35
CA GLU A 248 -13.12 -36.50 -16.08
C GLU A 248 -13.71 -35.73 -14.91
N ILE A 249 -13.71 -34.39 -14.99
CA ILE A 249 -14.00 -33.61 -13.79
C ILE A 249 -15.44 -33.80 -13.35
N VAL A 250 -16.37 -33.95 -14.28
CA VAL A 250 -17.77 -34.11 -13.92
C VAL A 250 -18.06 -35.45 -13.28
N GLY A 251 -17.19 -36.45 -13.49
CA GLY A 251 -17.34 -37.72 -12.82
C GLY A 251 -16.65 -37.75 -11.46
N GLU A 252 -15.70 -36.84 -11.26
CA GLU A 252 -14.88 -36.86 -10.05
C GLU A 252 -15.57 -36.17 -8.87
N ASN A 253 -16.40 -35.17 -9.12
CA ASN A 253 -16.91 -34.38 -8.01
C ASN A 253 -18.14 -33.63 -8.49
N VAL A 254 -18.58 -32.64 -7.70
CA VAL A 254 -19.86 -31.97 -7.94
C VAL A 254 -19.62 -30.46 -8.08
N TRP A 255 -18.44 -30.09 -8.59
CA TRP A 255 -18.11 -28.68 -8.76
C TRP A 255 -18.87 -28.02 -9.89
N PHE A 256 -19.53 -28.80 -10.74
CA PHE A 256 -20.31 -28.27 -11.87
C PHE A 256 -21.72 -28.83 -11.82
N SER A 257 -22.61 -28.16 -12.55
CA SER A 257 -24.00 -28.58 -12.56
C SER A 257 -24.12 -29.92 -13.28
N THR A 258 -25.21 -30.64 -12.96
CA THR A 258 -25.44 -31.89 -13.70
C THR A 258 -25.66 -31.62 -15.19
N ASN A 259 -26.17 -30.44 -15.54
CA ASN A 259 -26.39 -30.13 -16.96
C ASN A 259 -25.08 -30.11 -17.73
N PHE A 260 -23.97 -29.77 -17.08
CA PHE A 260 -22.69 -29.72 -17.79
C PHE A 260 -22.34 -31.07 -18.40
N ASN A 261 -22.80 -32.16 -17.76
CA ASN A 261 -22.55 -33.49 -18.31
C ASN A 261 -23.00 -33.61 -19.76
N ASN A 262 -24.00 -32.82 -20.15
CA ASN A 262 -24.51 -32.91 -21.52
C ASN A 262 -23.59 -32.24 -22.52
N TYR A 263 -22.56 -31.54 -22.06
CA TYR A 263 -21.70 -30.76 -22.95
C TYR A 263 -20.23 -31.14 -22.91
N VAL A 264 -19.81 -31.98 -21.95
CA VAL A 264 -18.38 -32.23 -21.78
C VAL A 264 -17.75 -32.90 -22.98
N GLN A 265 -18.54 -33.63 -23.78
CA GLN A 265 -18.07 -34.26 -25.00
C GLN A 265 -18.33 -33.41 -26.24
N LYS A 266 -18.85 -32.20 -26.06
CA LYS A 266 -19.28 -31.32 -27.13
C LYS A 266 -18.85 -29.90 -26.82
N LEU A 267 -17.61 -29.73 -26.34
CA LEU A 267 -17.19 -28.43 -25.85
C LEU A 267 -17.33 -27.30 -26.87
N PRO A 268 -17.10 -27.52 -28.16
CA PRO A 268 -17.27 -26.40 -29.12
C PRO A 268 -18.67 -25.82 -29.13
N THR A 269 -19.69 -26.56 -28.69
CA THR A 269 -21.06 -26.04 -28.68
C THR A 269 -21.35 -25.17 -27.46
N VAL A 270 -20.44 -25.08 -26.50
CA VAL A 270 -20.66 -24.30 -25.29
C VAL A 270 -20.25 -22.85 -25.58
N PRO A 271 -21.18 -21.89 -25.51
CA PRO A 271 -20.86 -20.51 -25.91
C PRO A 271 -20.13 -19.71 -24.83
N GLU A 272 -19.26 -20.39 -24.08
CA GLU A 272 -18.40 -19.75 -23.10
C GLU A 272 -17.21 -20.65 -22.86
N ASP A 273 -16.19 -20.07 -22.24
CA ASP A 273 -15.14 -20.88 -21.64
C ASP A 273 -14.62 -20.11 -20.43
N HIS A 274 -13.65 -20.69 -19.73
CA HIS A 274 -13.23 -20.08 -18.49
C HIS A 274 -12.46 -18.78 -18.65
N HIS A 275 -12.08 -18.41 -19.88
CA HIS A 275 -11.56 -17.06 -20.07
C HIS A 275 -12.65 -16.03 -19.84
N LEU A 276 -13.90 -16.38 -20.18
CA LEU A 276 -15.01 -15.49 -19.92
C LEU A 276 -15.38 -15.50 -18.45
N LEU A 277 -15.27 -16.66 -17.79
CA LEU A 277 -15.47 -16.72 -16.35
C LEU A 277 -14.50 -15.80 -15.63
N ALA A 278 -13.20 -15.91 -15.95
CA ALA A 278 -12.23 -15.01 -15.34
C ALA A 278 -12.53 -13.55 -15.68
N ALA A 279 -12.92 -13.27 -16.93
CA ALA A 279 -13.18 -11.89 -17.31
C ALA A 279 -14.35 -11.27 -16.54
N MET A 280 -15.22 -12.10 -15.94
CA MET A 280 -16.31 -11.55 -15.14
C MET A 280 -15.79 -10.77 -13.94
N VAL A 281 -14.56 -11.03 -13.51
CA VAL A 281 -13.96 -10.23 -12.45
C VAL A 281 -13.78 -8.79 -12.91
N ALA A 282 -13.50 -8.56 -14.19
CA ALA A 282 -13.25 -7.21 -14.64
C ALA A 282 -14.50 -6.36 -14.43
N PRO A 283 -14.37 -5.08 -14.06
CA PRO A 283 -13.11 -4.33 -13.98
C PRO A 283 -12.39 -4.36 -12.62
N ARG A 284 -12.74 -5.33 -11.77
CA ARG A 284 -12.06 -5.50 -10.50
C ARG A 284 -10.75 -6.27 -10.71
N ALA A 285 -10.03 -6.53 -9.61
CA ALA A 285 -8.67 -7.02 -9.70
C ALA A 285 -8.60 -8.52 -9.42
N MET A 286 -7.64 -9.18 -10.08
CA MET A 286 -7.41 -10.61 -9.87
CA MET A 286 -7.42 -10.61 -9.90
C MET A 286 -5.99 -10.94 -10.26
N ILE A 287 -5.35 -11.76 -9.44
CA ILE A 287 -4.10 -12.42 -9.83
C ILE A 287 -4.25 -13.89 -9.49
N SER A 288 -3.96 -14.75 -10.47
CA SER A 288 -3.98 -16.18 -10.23
C SER A 288 -2.58 -16.75 -10.40
N PHE A 289 -2.33 -17.83 -9.68
CA PHE A 289 -1.01 -18.45 -9.61
C PHE A 289 -1.13 -19.91 -10.03
N GLU A 290 -0.19 -20.36 -10.85
CA GLU A 290 -0.19 -21.74 -11.33
C GLU A 290 1.17 -22.38 -11.16
N ASN A 291 1.16 -23.71 -11.22
CA ASN A 291 2.32 -24.54 -10.94
C ASN A 291 2.49 -25.53 -12.08
N THR A 292 3.63 -25.47 -12.77
CA THR A 292 3.86 -26.34 -13.92
C THR A 292 4.36 -27.72 -13.54
N ASP A 293 4.60 -28.00 -12.25
CA ASP A 293 5.11 -29.30 -11.87
C ASP A 293 4.06 -30.40 -12.03
N TYR A 294 2.77 -30.03 -12.10
CA TYR A 294 1.66 -30.99 -12.11
C TYR A 294 0.89 -30.84 -13.41
N LEU A 295 1.11 -31.77 -14.35
CA LEU A 295 0.35 -31.72 -15.58
C LEU A 295 -1.15 -31.84 -15.34
N TRP A 296 -1.56 -32.44 -14.22
CA TRP A 296 -2.97 -32.54 -13.91
C TRP A 296 -3.64 -31.18 -13.94
N LEU A 297 -2.91 -30.13 -13.57
CA LEU A 297 -3.44 -28.77 -13.52
C LEU A 297 -3.65 -28.15 -14.89
N SER A 298 -3.16 -28.81 -15.97
CA SER A 298 -3.32 -28.35 -17.35
C SER A 298 -2.59 -27.02 -17.56
N PRO A 299 -1.25 -27.01 -17.48
CA PRO A 299 -0.52 -25.72 -17.48
C PRO A 299 -0.72 -24.85 -18.71
N MET A 300 -0.59 -25.40 -19.92
CA MET A 300 -0.78 -24.57 -21.11
C MET A 300 -2.17 -23.96 -21.11
N SER A 301 -3.17 -24.76 -20.71
CA SER A 301 -4.54 -24.28 -20.73
C SER A 301 -4.72 -23.05 -19.84
N SER A 302 -4.11 -23.05 -18.65
CA SER A 302 -4.22 -21.87 -17.79
C SER A 302 -3.55 -20.65 -18.42
N PHE A 303 -2.35 -20.81 -18.98
CA PHE A 303 -1.70 -19.66 -19.60
C PHE A 303 -2.52 -19.13 -20.77
N GLY A 304 -2.98 -20.02 -21.64
CA GLY A 304 -3.76 -19.55 -22.78
C GLY A 304 -5.09 -18.95 -22.36
N CYS A 305 -5.74 -19.61 -21.40
CA CYS A 305 -7.02 -19.12 -20.90
C CYS A 305 -6.87 -17.74 -20.27
N MET A 306 -5.85 -17.56 -19.43
CA MET A 306 -5.68 -16.25 -18.79
C MET A 306 -5.19 -15.19 -19.77
N THR A 307 -4.38 -15.57 -20.77
CA THR A 307 -4.04 -14.63 -21.83
C THR A 307 -5.29 -14.16 -22.56
N ALA A 308 -6.21 -15.08 -22.89
CA ALA A 308 -7.47 -14.69 -23.50
C ALA A 308 -8.28 -13.78 -22.59
N ALA A 309 -8.39 -14.15 -21.30
CA ALA A 309 -9.16 -13.33 -20.36
C ALA A 309 -8.56 -11.95 -20.24
N HIS A 310 -7.23 -11.88 -20.28
CA HIS A 310 -6.51 -10.62 -20.09
C HIS A 310 -6.93 -9.58 -21.14
N THR A 311 -7.36 -10.03 -22.32
CA THR A 311 -7.74 -9.06 -23.35
C THR A 311 -8.92 -8.21 -22.92
N VAL A 312 -9.77 -8.71 -22.02
CA VAL A 312 -10.88 -7.89 -21.53
C VAL A 312 -10.34 -6.72 -20.69
N TRP A 313 -9.44 -7.00 -19.75
CA TRP A 313 -8.83 -5.90 -18.99
C TRP A 313 -8.07 -4.96 -19.92
N GLN A 314 -7.38 -5.50 -20.92
CA GLN A 314 -6.68 -4.64 -21.88
C GLN A 314 -7.66 -3.74 -22.63
N GLY A 315 -8.78 -4.31 -23.09
CA GLY A 315 -9.76 -3.51 -23.78
C GLY A 315 -10.39 -2.44 -22.91
N LEU A 316 -10.46 -2.69 -21.59
CA LEU A 316 -10.99 -1.72 -20.64
C LEU A 316 -9.94 -0.71 -20.18
N GLY A 317 -8.72 -0.81 -20.67
CA GLY A 317 -7.66 0.12 -20.29
C GLY A 317 -7.10 -0.09 -18.90
N ILE A 318 -7.25 -1.28 -18.32
CA ILE A 318 -6.83 -1.56 -16.95
C ILE A 318 -6.08 -2.89 -16.91
N ALA A 319 -5.16 -3.08 -17.85
CA ALA A 319 -4.46 -4.36 -17.95
C ALA A 319 -3.78 -4.75 -16.64
N ASP A 320 -3.25 -3.78 -15.90
CA ASP A 320 -2.49 -4.11 -14.69
CA ASP A 320 -2.50 -4.06 -14.68
C ASP A 320 -3.37 -4.49 -13.51
N SER A 321 -4.69 -4.51 -13.68
CA SER A 321 -5.55 -5.05 -12.63
C SER A 321 -5.67 -6.56 -12.71
N HIS A 322 -5.08 -7.19 -13.73
CA HIS A 322 -5.18 -8.64 -13.89
C HIS A 322 -3.78 -9.21 -14.01
N GLY A 323 -3.42 -10.12 -13.10
CA GLY A 323 -2.12 -10.73 -13.14
C GLY A 323 -2.18 -12.24 -13.25
N PHE A 324 -1.07 -12.83 -13.73
CA PHE A 324 -0.93 -14.28 -13.82
C PHE A 324 0.55 -14.60 -13.64
N ALA A 325 0.84 -15.53 -12.74
CA ALA A 325 2.21 -15.97 -12.49
C ALA A 325 2.21 -17.49 -12.42
N GLN A 326 3.02 -18.11 -13.28
CA GLN A 326 3.05 -19.56 -13.43
C GLN A 326 4.51 -20.00 -13.40
N VAL A 327 4.85 -20.84 -12.45
CA VAL A 327 6.22 -21.27 -12.18
C VAL A 327 6.17 -22.74 -11.83
N GLY A 328 7.35 -23.34 -11.70
CA GLY A 328 7.44 -24.72 -11.23
C GLY A 328 8.32 -24.80 -10.01
N GLY A 329 8.65 -26.02 -9.57
CA GLY A 329 9.64 -26.19 -8.52
C GLY A 329 9.14 -26.13 -7.10
N HIS A 330 7.86 -26.45 -6.86
CA HIS A 330 7.36 -26.48 -5.50
C HIS A 330 6.14 -27.41 -5.42
N ALA A 331 5.89 -27.91 -4.22
CA ALA A 331 4.78 -28.82 -4.01
C ALA A 331 3.43 -28.12 -4.23
N HIS A 332 2.43 -28.91 -4.59
CA HIS A 332 1.08 -28.41 -4.82
C HIS A 332 0.55 -27.74 -3.56
N CYS A 333 0.15 -26.46 -3.69
CA CYS A 333 -0.39 -25.64 -2.62
C CYS A 333 0.64 -25.21 -1.59
N ALA A 334 1.91 -25.55 -1.77
CA ALA A 334 2.96 -24.91 -1.00
C ALA A 334 3.26 -23.57 -1.64
N TRP A 335 3.42 -22.54 -0.82
CA TRP A 335 3.63 -21.21 -1.37
C TRP A 335 5.12 -20.96 -1.61
N PRO A 336 5.54 -20.67 -2.85
CA PRO A 336 6.96 -20.39 -3.10
C PRO A 336 7.25 -18.92 -2.77
N SER A 337 8.31 -18.70 -2.00
CA SER A 337 8.64 -17.33 -1.61
C SER A 337 9.02 -16.45 -2.80
N SER A 338 9.39 -17.06 -3.93
CA SER A 338 9.72 -16.27 -5.11
C SER A 338 8.52 -15.50 -5.66
N LEU A 339 7.30 -15.92 -5.35
CA LEU A 339 6.09 -15.24 -5.81
C LEU A 339 5.51 -14.29 -4.79
N THR A 340 6.09 -14.22 -3.59
CA THR A 340 5.55 -13.31 -2.58
C THR A 340 5.53 -11.86 -3.03
N PRO A 341 6.54 -11.33 -3.71
CA PRO A 341 6.43 -9.94 -4.17
C PRO A 341 5.24 -9.69 -5.07
N GLN A 342 4.92 -10.64 -5.96
CA GLN A 342 3.80 -10.46 -6.87
C GLN A 342 2.47 -10.51 -6.13
N LEU A 343 2.32 -11.49 -5.25
CA LEU A 343 1.14 -11.57 -4.40
C LEU A 343 0.97 -10.28 -3.59
N ASN A 344 2.05 -9.83 -2.94
CA ASN A 344 1.95 -8.65 -2.09
C ASN A 344 1.65 -7.40 -2.89
N ALA A 345 2.16 -7.32 -4.13
CA ALA A 345 1.86 -6.16 -4.95
C ALA A 345 0.37 -6.00 -5.15
N PHE A 346 -0.33 -7.10 -5.48
CA PHE A 346 -1.78 -7.02 -5.66
C PHE A 346 -2.50 -6.76 -4.35
N ILE A 347 -2.08 -7.42 -3.27
CA ILE A 347 -2.72 -7.14 -1.98
C ILE A 347 -2.47 -5.70 -1.57
N ASN A 348 -1.22 -5.24 -1.72
CA ASN A 348 -0.87 -3.88 -1.29
C ASN A 348 -1.66 -2.83 -2.07
N ARG A 349 -1.78 -3.02 -3.38
CA ARG A 349 -2.50 -2.02 -4.19
C ARG A 349 -4.01 -2.10 -3.95
N PHE A 350 -4.59 -3.29 -4.02
CA PHE A 350 -6.05 -3.39 -4.11
C PHE A 350 -6.75 -3.58 -2.77
N LEU A 351 -6.06 -4.04 -1.73
CA LEU A 351 -6.64 -4.10 -0.40
C LEU A 351 -6.06 -3.08 0.58
N LEU A 352 -4.81 -2.66 0.40
CA LEU A 352 -4.15 -1.77 1.36
C LEU A 352 -3.93 -0.35 0.83
N ASP A 353 -4.35 -0.08 -0.40
CA ASP A 353 -4.32 1.28 -0.97
C ASP A 353 -2.92 1.84 -1.13
N GLN A 354 -1.92 0.97 -1.31
CA GLN A 354 -0.57 1.43 -1.62
C GLN A 354 -0.40 1.63 -3.13
N SER A 355 0.60 2.42 -3.47
CA SER A 355 0.95 2.69 -4.87
C SER A 355 1.89 1.61 -5.40
N ALA A 356 1.51 0.34 -5.26
CA ALA A 356 2.31 -0.76 -5.78
C ALA A 356 1.97 -0.99 -7.24
N THR A 357 2.99 -1.31 -8.03
CA THR A 357 2.76 -1.64 -9.43
C THR A 357 2.45 -3.13 -9.54
N THR A 358 1.52 -3.45 -10.44
CA THR A 358 0.91 -4.77 -10.50
C THR A 358 0.94 -5.33 -11.92
N ASN A 359 2.02 -5.06 -12.65
CA ASN A 359 2.23 -5.62 -13.98
C ASN A 359 2.90 -6.97 -13.80
N VAL A 360 2.08 -8.03 -13.79
CA VAL A 360 2.55 -9.40 -13.53
C VAL A 360 1.85 -10.31 -14.54
N PHE A 361 2.59 -10.80 -15.52
CA PHE A 361 2.02 -11.77 -16.45
C PHE A 361 3.20 -12.59 -16.98
N THR A 362 3.45 -13.72 -16.33
CA THR A 362 4.68 -14.47 -16.57
CA THR A 362 4.67 -14.47 -16.56
C THR A 362 4.40 -15.96 -16.51
N THR A 363 5.11 -16.70 -17.35
CA THR A 363 5.10 -18.14 -17.35
C THR A 363 6.49 -18.62 -17.70
N ASN A 364 6.80 -19.87 -17.35
CA ASN A 364 8.02 -20.53 -17.77
C ASN A 364 7.85 -21.33 -19.05
N ASN A 365 6.63 -21.37 -19.60
CA ASN A 365 6.37 -22.06 -20.86
C ASN A 365 6.61 -23.56 -20.78
N GLN A 366 6.65 -24.12 -19.58
CA GLN A 366 6.88 -25.55 -19.41
CA GLN A 366 6.88 -25.55 -19.38
C GLN A 366 5.53 -26.26 -19.49
N PHE A 367 5.13 -26.57 -20.72
CA PHE A 367 3.79 -27.06 -21.00
C PHE A 367 3.72 -28.53 -21.44
N GLY A 368 4.83 -29.26 -21.32
CA GLY A 368 4.79 -30.68 -21.66
C GLY A 368 4.72 -30.88 -23.16
N LYS A 369 3.80 -31.74 -23.59
CA LYS A 369 3.74 -32.19 -24.97
C LYS A 369 3.06 -31.21 -25.92
N VAL A 370 2.60 -30.05 -25.44
CA VAL A 370 1.97 -29.06 -26.30
C VAL A 370 2.67 -27.73 -26.13
N GLN A 371 2.37 -26.83 -27.06
CA GLN A 371 2.80 -25.44 -26.96
C GLN A 371 1.58 -24.54 -27.02
N TRP A 372 1.74 -23.30 -26.57
CA TRP A 372 0.71 -22.28 -26.71
C TRP A 372 0.93 -21.54 -28.03
N ASN A 373 -0.09 -21.52 -28.86
CA ASN A 373 -0.07 -20.75 -30.12
C ASN A 373 -1.33 -19.89 -30.11
N ALA A 374 -1.15 -18.60 -29.81
CA ALA A 374 -2.32 -17.74 -29.62
C ALA A 374 -3.19 -17.68 -30.85
N ALA A 375 -2.59 -17.74 -32.05
CA ALA A 375 -3.37 -17.64 -33.27
C ALA A 375 -4.29 -18.84 -33.46
N ASN A 376 -3.99 -19.98 -32.84
CA ASN A 376 -4.87 -21.14 -32.95
C ASN A 376 -6.05 -21.09 -31.99
N TRP A 377 -6.12 -20.09 -31.12
CA TRP A 377 -7.15 -20.07 -30.08
C TRP A 377 -7.86 -18.75 -29.92
N ILE A 378 -7.19 -17.62 -30.15
CA ILE A 378 -7.76 -16.29 -30.00
C ILE A 378 -7.89 -15.70 -31.39
N THR A 379 -9.13 -15.43 -31.81
CA THR A 379 -9.35 -14.89 -33.14
C THR A 379 -9.74 -13.43 -33.14
N TRP A 380 -10.02 -12.86 -31.98
CA TRP A 380 -10.53 -11.50 -31.91
C TRP A 380 -9.39 -10.51 -31.75
N THR A 381 -9.64 -9.28 -32.19
CA THR A 381 -8.75 -8.15 -32.00
C THR A 381 -9.30 -7.30 -30.87
N THR A 382 -8.48 -7.03 -29.88
CA THR A 382 -8.95 -6.36 -28.67
C THR A 382 -9.33 -4.92 -28.99
N PRO A 383 -10.59 -4.53 -28.81
CA PRO A 383 -10.98 -3.14 -29.05
C PRO A 383 -10.56 -2.26 -27.89
N THR A 384 -10.50 -0.95 -28.16
CA THR A 384 -10.32 0.04 -27.12
C THR A 384 -11.71 0.53 -26.74
N LEU A 385 -12.27 -0.07 -25.69
CA LEU A 385 -13.62 0.29 -25.28
C LEU A 385 -13.66 1.73 -24.79
N THR A 386 -14.65 2.47 -25.26
CA THR A 386 -14.68 3.92 -25.06
C THR A 386 -15.36 4.31 -23.77
N GLU B 1 -5.61 26.37 -8.13
CA GLU B 1 -7.01 26.17 -8.53
C GLU B 1 -7.84 25.63 -7.36
N ALA B 2 -9.16 25.72 -7.50
CA ALA B 2 -10.08 25.18 -6.50
C ALA B 2 -9.89 25.81 -5.13
N GLU B 3 -9.46 27.08 -5.11
CA GLU B 3 -9.26 27.77 -3.84
C GLU B 3 -10.56 27.84 -3.04
N ALA B 4 -11.70 27.98 -3.72
CA ALA B 4 -12.97 28.04 -3.01
C ALA B 4 -13.21 26.80 -2.16
N GLU B 5 -12.69 25.65 -2.60
CA GLU B 5 -12.90 24.40 -1.88
C GLU B 5 -11.76 24.05 -0.93
N PHE B 6 -10.52 24.38 -1.30
CA PHE B 6 -9.37 23.96 -0.52
C PHE B 6 -8.68 25.09 0.23
N GLY B 7 -9.04 26.34 -0.03
CA GLY B 7 -8.36 27.46 0.60
C GLY B 7 -7.32 28.09 -0.32
N ALA B 8 -6.55 29.01 0.27
CA ALA B 8 -5.70 29.90 -0.51
C ALA B 8 -4.64 29.15 -1.32
N CYS B 9 -4.24 27.96 -0.89
CA CYS B 9 -3.24 27.22 -1.64
C CYS B 9 -3.84 26.29 -2.69
N GLY B 10 -5.15 26.25 -2.83
CA GLY B 10 -5.77 25.48 -3.88
C GLY B 10 -5.54 23.97 -3.72
N ALA B 11 -5.70 23.27 -4.84
CA ALA B 11 -5.64 21.81 -4.87
C ALA B 11 -4.20 21.35 -5.07
N ILE B 12 -3.41 21.50 -4.01
CA ILE B 12 -2.03 21.01 -4.02
C ILE B 12 -2.02 19.53 -4.34
N ALA B 13 -1.01 19.10 -5.08
CA ALA B 13 -0.91 17.71 -5.51
C ALA B 13 -0.35 16.84 -4.40
N SER B 14 -0.90 15.64 -4.26
CA SER B 14 -0.30 14.62 -3.41
CA SER B 14 -0.32 14.60 -3.41
C SER B 14 0.42 13.54 -4.21
N THR B 15 0.20 13.47 -5.51
CA THR B 15 0.91 12.54 -6.38
C THR B 15 1.17 13.24 -7.71
N VAL B 16 2.18 12.76 -8.41
CA VAL B 16 2.50 13.22 -9.77
C VAL B 16 2.73 11.97 -10.60
N PRO B 17 1.68 11.35 -11.14
CA PRO B 17 1.81 9.98 -11.67
C PRO B 17 2.79 9.83 -12.83
N ASN B 18 2.93 10.83 -13.69
CA ASN B 18 3.76 10.77 -14.88
CA ASN B 18 3.79 10.68 -14.85
C ASN B 18 5.19 11.25 -14.65
N TYR B 19 5.57 11.51 -13.40
CA TYR B 19 6.87 12.12 -13.15
C TYR B 19 8.00 11.16 -13.47
N ASN B 20 9.06 11.68 -14.08
CA ASN B 20 10.22 10.84 -14.40
C ASN B 20 11.40 11.77 -14.68
N ASN B 21 12.21 11.99 -13.64
CA ASN B 21 13.31 12.96 -13.69
C ASN B 21 14.47 12.36 -12.92
N ALA B 22 15.54 12.04 -13.64
CA ALA B 22 16.74 11.49 -13.01
C ALA B 22 17.50 12.52 -12.20
N LYS B 23 17.31 13.82 -12.50
CA LYS B 23 17.97 14.88 -11.75
C LYS B 23 17.07 15.32 -10.60
N LEU B 24 17.49 16.32 -9.86
CA LEU B 24 16.75 16.70 -8.65
C LEU B 24 15.49 17.47 -9.02
N PRO B 25 14.34 17.14 -8.43
CA PRO B 25 13.12 17.93 -8.67
C PRO B 25 13.30 19.43 -8.43
N ASP B 26 12.70 20.22 -9.30
CA ASP B 26 12.78 21.68 -9.24
C ASP B 26 11.97 22.20 -8.07
N PRO B 27 12.58 22.85 -7.08
CA PRO B 27 11.79 23.42 -5.96
C PRO B 27 10.79 24.46 -6.41
N PHE B 28 11.08 25.16 -7.51
CA PHE B 28 10.43 26.42 -7.85
C PHE B 28 9.34 26.27 -8.90
N THR B 29 8.89 25.04 -9.17
CA THR B 29 7.72 24.84 -10.02
C THR B 29 6.76 23.90 -9.31
N PHE B 30 5.51 24.33 -9.21
CA PHE B 30 4.47 23.48 -8.63
C PHE B 30 4.26 22.25 -9.52
N ALA B 31 3.60 21.24 -8.95
CA ALA B 31 3.26 20.04 -9.71
C ALA B 31 2.46 20.34 -10.97
N ASN B 32 1.61 21.39 -10.93
CA ASN B 32 0.79 21.76 -12.08
C ASN B 32 1.54 22.57 -13.13
N GLY B 33 2.82 22.84 -12.93
CA GLY B 33 3.60 23.60 -13.89
C GLY B 33 3.63 25.09 -13.65
N THR B 34 2.92 25.60 -12.65
CA THR B 34 3.01 27.02 -12.30
C THR B 34 4.36 27.29 -11.64
N ALA B 35 5.07 28.30 -12.15
CA ALA B 35 6.34 28.69 -11.54
C ALA B 35 6.09 29.54 -10.32
N LEU B 36 6.85 29.28 -9.25
CA LEU B 36 6.79 30.13 -8.07
C LEU B 36 7.36 31.51 -8.38
N ARG B 37 6.70 32.55 -7.88
N ARG B 37 6.70 32.55 -7.89
CA ARG B 37 7.15 33.92 -8.13
CA ARG B 37 7.17 33.92 -8.12
C ARG B 37 7.23 34.72 -6.84
C ARG B 37 7.20 34.76 -6.85
N THR B 38 6.34 34.47 -5.89
CA THR B 38 6.24 35.25 -4.66
C THR B 38 6.58 34.40 -3.44
N LYS B 39 6.81 35.08 -2.30
CA LYS B 39 7.04 34.37 -1.05
C LYS B 39 5.82 33.60 -0.60
N ALA B 40 4.62 34.16 -0.83
CA ALA B 40 3.40 33.41 -0.54
C ALA B 40 3.33 32.12 -1.35
N ASP B 41 3.85 32.15 -2.58
CA ASP B 41 3.90 30.92 -3.39
C ASP B 41 4.71 29.85 -2.67
N TRP B 42 5.78 30.24 -1.97
CA TRP B 42 6.58 29.25 -1.28
C TRP B 42 5.79 28.56 -0.18
N SER B 43 4.99 29.32 0.59
CA SER B 43 4.17 28.69 1.60
CA SER B 43 4.16 28.70 1.61
C SER B 43 3.30 27.60 1.01
N CYS B 44 2.69 27.86 -0.16
CA CYS B 44 1.85 26.86 -0.81
C CYS B 44 2.68 25.71 -1.37
N ARG B 45 3.83 26.01 -1.95
CA ARG B 45 4.69 24.95 -2.48
C ARG B 45 5.20 24.06 -1.35
N ARG B 46 5.51 24.66 -0.19
CA ARG B 46 5.90 23.85 0.97
C ARG B 46 4.77 22.90 1.37
N ALA B 47 3.52 23.38 1.34
CA ALA B 47 2.39 22.51 1.67
C ALA B 47 2.26 21.37 0.65
N GLU B 48 2.52 21.66 -0.63
CA GLU B 48 2.49 20.61 -1.64
C GLU B 48 3.62 19.62 -1.43
N ILE B 49 4.84 20.11 -1.16
CA ILE B 49 5.97 19.23 -0.85
C ILE B 49 5.65 18.33 0.33
N SER B 50 5.03 18.90 1.38
CA SER B 50 4.65 18.09 2.52
C SER B 50 3.74 16.94 2.10
N ALA B 51 2.72 17.24 1.28
CA ALA B 51 1.81 16.19 0.83
C ALA B 51 2.54 15.16 -0.01
N LEU B 52 3.45 15.60 -0.89
CA LEU B 52 4.20 14.66 -1.72
C LEU B 52 5.08 13.76 -0.86
N ILE B 53 5.80 14.36 0.11
CA ILE B 53 6.67 13.55 0.95
C ILE B 53 5.86 12.53 1.74
N GLN B 54 4.72 12.96 2.29
CA GLN B 54 3.86 12.01 3.00
C GLN B 54 3.39 10.89 2.07
N ASN B 55 3.02 11.22 0.84
CA ASN B 55 2.48 10.22 -0.06
C ASN B 55 3.54 9.20 -0.49
N TYR B 56 4.77 9.65 -0.76
CA TYR B 56 5.78 8.78 -1.36
C TYR B 56 6.67 8.08 -0.34
N GLU B 57 7.02 8.75 0.77
CA GLU B 57 8.03 8.15 1.65
C GLU B 57 7.75 8.23 3.14
N ALA B 58 6.92 9.16 3.63
CA ALA B 58 6.80 9.39 5.07
C ALA B 58 5.51 8.86 5.69
N GLY B 59 4.47 8.59 4.90
CA GLY B 59 3.19 8.22 5.46
C GLY B 59 2.47 9.43 6.03
N THR B 60 1.31 9.17 6.62
CA THR B 60 0.41 10.25 7.01
C THR B 60 0.79 10.80 8.39
N LEU B 61 0.96 12.13 8.48
CA LEU B 61 1.23 12.79 9.75
C LEU B 61 -0.10 13.26 10.35
N PRO B 62 -0.61 12.62 11.41
CA PRO B 62 -1.91 13.05 11.95
C PRO B 62 -1.78 14.41 12.60
N PRO B 63 -2.87 15.17 12.68
CA PRO B 63 -2.85 16.46 13.36
C PRO B 63 -2.93 16.28 14.88
N LYS B 64 -2.95 17.39 15.59
CA LYS B 64 -3.09 17.34 17.04
C LYS B 64 -4.37 16.56 17.40
N PRO B 65 -4.31 15.64 18.35
CA PRO B 65 -5.49 14.84 18.69
C PRO B 65 -6.37 15.58 19.68
N PRO B 66 -7.57 15.07 19.94
CA PRO B 66 -8.51 15.78 20.83
C PRO B 66 -8.03 15.91 22.27
N VAL B 67 -7.20 14.99 22.75
CA VAL B 67 -6.72 15.01 24.14
C VAL B 67 -5.22 15.23 24.14
N VAL B 68 -4.78 16.35 24.73
CA VAL B 68 -3.38 16.58 25.07
C VAL B 68 -3.38 17.30 26.41
N THR B 69 -2.85 16.66 27.44
CA THR B 69 -2.72 17.27 28.76
C THR B 69 -1.31 17.03 29.28
N ALA B 70 -0.91 17.82 30.27
CA ALA B 70 0.45 17.75 30.79
C ALA B 70 0.49 18.24 32.23
N SER B 71 1.38 17.63 33.00
CA SER B 71 1.75 18.14 34.32
C SER B 71 3.26 18.23 34.38
N PHE B 72 3.75 19.04 35.32
CA PHE B 72 5.17 19.33 35.40
C PHE B 72 5.62 19.31 36.84
N SER B 73 6.81 18.73 37.07
CA SER B 73 7.43 18.75 38.38
C SER B 73 8.94 18.90 38.16
N LYS B 74 9.63 19.33 39.21
CA LYS B 74 11.05 19.60 39.08
C LYS B 74 11.78 19.11 40.33
N SER B 75 12.94 18.50 40.11
CA SER B 75 13.82 18.09 41.20
C SER B 75 15.22 18.58 40.84
N GLY B 76 15.81 19.39 41.72
CA GLY B 76 17.07 20.00 41.38
C GLY B 76 16.95 20.79 40.09
N ASN B 77 17.84 20.50 39.14
CA ASN B 77 17.83 21.18 37.85
C ASN B 77 17.18 20.36 36.75
N THR B 78 16.39 19.34 37.10
CA THR B 78 15.76 18.46 36.13
C THR B 78 14.25 18.54 36.27
N GLY B 79 13.58 18.93 35.20
CA GLY B 79 12.13 18.93 35.16
C GLY B 79 11.64 17.69 34.45
N THR B 80 10.42 17.26 34.80
CA THR B 80 9.77 16.15 34.12
C THR B 80 8.41 16.64 33.63
N LEU B 81 8.21 16.57 32.32
CA LEU B 81 6.99 17.04 31.68
C LEU B 81 6.18 15.80 31.34
N ALA B 82 5.19 15.48 32.17
CA ALA B 82 4.39 14.27 32.03
C ALA B 82 3.24 14.55 31.08
N ILE B 83 3.29 13.96 29.89
CA ILE B 83 2.33 14.26 28.82
C ILE B 83 1.37 13.08 28.66
N THR B 84 0.09 13.39 28.50
CA THR B 84 -0.93 12.42 28.13
C THR B 84 -1.55 12.87 26.81
N ALA B 85 -1.61 11.96 25.83
CA ALA B 85 -2.22 12.29 24.54
C ALA B 85 -3.13 11.16 24.11
N GLY B 86 -4.25 11.49 23.47
CA GLY B 86 -5.14 10.44 23.02
C GLY B 86 -6.18 10.93 22.05
N LEU B 87 -6.84 9.97 21.39
CA LEU B 87 -7.95 10.30 20.50
C LEU B 87 -9.24 10.55 21.27
N SER B 88 -9.31 10.07 22.51
CA SER B 88 -10.40 10.33 23.43
C SER B 88 -9.84 10.05 24.82
N ASN B 89 -10.65 10.33 25.84
CA ASN B 89 -10.20 10.09 27.20
C ASN B 89 -10.08 8.60 27.52
N SER B 90 -10.69 7.73 26.71
CA SER B 90 -10.63 6.30 26.94
C SER B 90 -9.45 5.62 26.26
N GLN B 91 -8.72 6.33 25.39
CA GLN B 91 -7.58 5.76 24.65
CA GLN B 91 -7.60 5.77 24.64
C GLN B 91 -6.47 6.81 24.63
N THR B 92 -5.56 6.72 25.59
CA THR B 92 -4.45 7.65 25.70
C THR B 92 -3.13 6.89 25.83
N ILE B 93 -2.05 7.63 25.57
CA ILE B 93 -0.69 7.18 25.85
C ILE B 93 -0.04 8.24 26.73
N LYS B 94 1.02 7.85 27.43
CA LYS B 94 1.72 8.75 28.32
C LYS B 94 3.21 8.66 28.08
N PHE B 95 3.88 9.81 28.10
CA PHE B 95 5.33 9.87 27.98
C PHE B 95 5.80 11.11 28.73
N SER B 96 7.01 11.04 29.29
CA SER B 96 7.48 12.02 30.27
C SER B 96 8.91 12.43 29.98
N PRO B 97 9.12 13.23 28.94
CA PRO B 97 10.47 13.73 28.67
C PRO B 97 10.96 14.60 29.83
N THR B 98 12.28 14.61 30.01
CA THR B 98 12.90 15.39 31.06
C THR B 98 13.62 16.59 30.45
N ILE B 99 13.74 17.65 31.26
CA ILE B 99 14.39 18.89 30.86
C ILE B 99 15.52 19.17 31.82
N SER B 100 16.71 19.42 31.28
CA SER B 100 17.88 19.84 32.05
C SER B 100 18.01 21.35 31.95
N TYR B 101 17.94 22.03 33.11
CA TYR B 101 17.88 23.48 33.10
C TYR B 101 19.23 24.09 33.47
N PRO B 102 19.54 25.23 32.85
CA PRO B 102 20.65 26.05 33.34
C PRO B 102 20.37 26.48 34.78
N SER B 103 21.44 26.72 35.51
CA SER B 103 21.30 27.28 36.85
C SER B 103 21.06 28.79 36.74
N GLY B 104 20.32 29.31 37.71
CA GLY B 104 20.10 30.74 37.82
C GLY B 104 18.69 31.14 37.41
N THR B 105 18.48 32.45 37.37
CA THR B 105 17.18 33.01 37.05
C THR B 105 16.91 32.91 35.55
N PRO B 106 15.79 32.36 35.13
CA PRO B 106 15.50 32.29 33.71
C PRO B 106 15.16 33.67 33.16
N PRO B 107 15.31 33.86 31.84
CA PRO B 107 14.77 35.08 31.20
C PRO B 107 13.28 35.25 31.51
N ALA B 108 12.76 36.47 31.32
CA ALA B 108 11.40 36.76 31.76
C ALA B 108 10.38 35.83 31.11
N ASN B 109 10.61 35.44 29.86
CA ASN B 109 9.69 34.57 29.12
C ASN B 109 10.19 33.13 29.04
N GLY B 110 11.12 32.74 29.90
CA GLY B 110 11.57 31.36 29.97
C GLY B 110 12.85 31.11 29.20
N TRP B 111 13.40 29.93 29.42
CA TRP B 111 14.62 29.52 28.73
C TRP B 111 14.33 29.12 27.29
N PRO B 112 15.20 29.48 26.35
CA PRO B 112 15.23 28.76 25.07
C PRO B 112 15.52 27.29 25.32
N LEU B 113 15.05 26.43 24.41
CA LEU B 113 15.09 24.99 24.63
C LEU B 113 15.51 24.28 23.34
N ILE B 114 16.36 23.27 23.46
CA ILE B 114 16.63 22.35 22.36
C ILE B 114 16.04 21.00 22.72
N ILE B 115 15.13 20.52 21.87
CA ILE B 115 14.59 19.16 21.99
C ILE B 115 15.61 18.23 21.33
N ALA B 116 16.21 17.36 22.13
CA ALA B 116 17.29 16.49 21.67
C ALA B 116 16.79 15.06 21.60
N TYR B 117 16.73 14.52 20.39
CA TYR B 117 16.34 13.12 20.20
C TYR B 117 17.34 12.22 20.90
N GLU B 118 16.84 11.42 21.86
CA GLU B 118 17.68 10.53 22.67
C GLU B 118 18.85 11.27 23.31
N GLY B 119 18.66 12.56 23.58
CA GLY B 119 19.66 13.36 24.24
C GLY B 119 20.62 14.09 23.32
N GLY B 120 20.66 13.74 22.03
CA GLY B 120 21.53 14.43 21.10
C GLY B 120 23.00 14.10 21.30
N SER B 121 23.82 14.64 20.40
CA SER B 121 25.27 14.47 20.48
C SER B 121 26.00 15.79 20.22
N ILE B 122 25.35 16.91 20.48
CA ILE B 122 25.98 18.23 20.36
C ILE B 122 26.14 18.88 21.73
N PRO B 123 27.19 19.69 21.93
CA PRO B 123 27.27 20.50 23.14
C PRO B 123 26.23 21.60 23.10
N ILE B 124 25.59 21.84 24.24
CA ILE B 124 24.54 22.84 24.38
C ILE B 124 25.12 24.02 25.17
N PRO B 125 25.09 25.23 24.65
CA PRO B 125 25.73 26.35 25.36
C PRO B 125 24.92 26.78 26.57
N ALA B 126 25.56 27.59 27.40
CA ALA B 126 24.89 28.15 28.56
C ALA B 126 23.67 28.95 28.11
N GLY B 127 22.66 29.00 28.97
CA GLY B 127 21.46 29.75 28.69
C GLY B 127 20.43 29.03 27.87
N VAL B 128 20.66 27.78 27.50
CA VAL B 128 19.72 26.97 26.74
C VAL B 128 19.42 25.72 27.54
N ALA B 129 18.14 25.40 27.69
CA ALA B 129 17.71 24.17 28.32
C ALA B 129 17.70 23.04 27.30
N THR B 130 17.81 21.81 27.79
CA THR B 130 17.84 20.63 26.92
C THR B 130 16.75 19.66 27.34
N LEU B 131 15.84 19.35 26.43
CA LEU B 131 14.83 18.32 26.68
C LEU B 131 15.27 17.03 26.01
N THR B 132 15.25 15.94 26.77
CA THR B 132 15.59 14.63 26.23
C THR B 132 14.30 13.93 25.79
N TYR B 133 14.19 13.68 24.49
CA TYR B 133 13.01 13.06 23.88
C TYR B 133 13.32 11.60 23.62
N SER B 134 12.56 10.70 24.23
CA SER B 134 12.71 9.25 23.97
C SER B 134 11.90 8.91 22.72
N ASN B 135 12.45 9.28 21.56
CA ASN B 135 11.72 9.03 20.32
C ASN B 135 11.53 7.53 20.06
N SER B 136 12.47 6.68 20.50
CA SER B 136 12.32 5.25 20.26
C SER B 136 11.10 4.66 20.97
N ASP B 137 10.70 5.23 22.11
CA ASP B 137 9.46 4.79 22.74
C ASP B 137 8.26 5.15 21.88
N MET B 138 8.29 6.34 21.25
CA MET B 138 7.17 6.81 20.45
C MET B 138 6.99 5.97 19.20
N ALA B 139 8.10 5.56 18.57
CA ALA B 139 8.06 4.60 17.48
C ALA B 139 9.38 3.85 17.49
N GLN B 140 9.31 2.54 17.69
CA GLN B 140 10.52 1.75 17.84
C GLN B 140 11.28 1.67 16.52
N GLN B 141 12.60 1.50 16.62
CA GLN B 141 13.49 1.54 15.46
C GLN B 141 14.63 0.53 15.63
N ASN B 142 14.30 -0.69 16.03
CA ASN B 142 15.34 -1.70 16.17
C ASN B 142 15.71 -2.33 14.83
N SER B 143 14.72 -2.62 13.99
CA SER B 143 14.90 -3.28 12.70
C SER B 143 13.57 -3.22 11.96
N ALA B 144 13.49 -3.89 10.81
CA ALA B 144 12.23 -3.99 10.09
C ALA B 144 11.14 -4.61 10.96
N SER B 145 11.52 -5.42 11.95
CA SER B 145 10.57 -6.05 12.86
C SER B 145 9.86 -5.04 13.76
N SER B 146 10.33 -3.79 13.80
CA SER B 146 9.73 -2.77 14.65
C SER B 146 8.50 -2.14 14.01
N ARG B 147 8.13 -2.55 12.80
CA ARG B 147 7.07 -1.87 12.07
C ARG B 147 5.78 -1.83 12.88
N GLY B 148 5.23 -0.62 13.05
CA GLY B 148 3.99 -0.46 13.76
C GLY B 148 4.05 -0.61 15.26
N GLN B 149 5.26 -0.61 15.84
CA GLN B 149 5.44 -0.75 17.30
C GLN B 149 5.86 0.58 17.89
N GLY B 150 5.19 0.96 18.98
CA GLY B 150 5.47 2.20 19.67
C GLY B 150 4.21 2.89 20.17
N LEU B 151 4.37 3.87 21.06
CA LEU B 151 3.23 4.57 21.63
C LEU B 151 2.33 5.16 20.56
N PHE B 152 2.92 5.74 19.50
CA PHE B 152 2.11 6.36 18.46
C PHE B 152 1.13 5.35 17.87
N TYR B 153 1.61 4.13 17.61
CA TYR B 153 0.77 3.13 16.98
C TYR B 153 -0.26 2.56 17.93
N GLN B 154 -0.03 2.66 19.24
CA GLN B 154 -1.08 2.27 20.18
C GLN B 154 -2.31 3.14 19.99
N LEU B 155 -2.13 4.42 19.66
CA LEU B 155 -3.26 5.30 19.39
C LEU B 155 -3.82 5.11 17.99
N TYR B 156 -2.94 5.16 16.97
CA TYR B 156 -3.38 5.25 15.60
C TYR B 156 -3.50 3.92 14.88
N GLY B 157 -3.00 2.83 15.46
CA GLY B 157 -3.07 1.52 14.85
C GLY B 157 -1.72 1.06 14.33
N SER B 158 -1.43 -0.23 14.50
CA SER B 158 -0.15 -0.78 14.05
C SER B 158 0.01 -0.75 12.53
N THR B 159 -1.06 -0.61 11.77
CA THR B 159 -0.95 -0.50 10.32
C THR B 159 -1.16 0.93 9.82
N HIS B 160 -1.12 1.92 10.69
CA HIS B 160 -1.14 3.31 10.25
C HIS B 160 0.06 3.58 9.36
N SER B 161 -0.14 4.41 8.33
CA SER B 161 0.91 4.59 7.34
C SER B 161 2.13 5.37 7.84
N ALA B 162 2.00 6.14 8.93
CA ALA B 162 3.12 6.95 9.39
C ALA B 162 4.38 6.09 9.57
N SER B 163 5.48 6.54 8.97
CA SER B 163 6.78 5.96 9.27
C SER B 163 7.14 6.21 10.72
N ALA B 164 8.18 5.52 11.22
CA ALA B 164 8.64 5.80 12.57
C ALA B 164 9.03 7.26 12.73
N MET B 165 9.65 7.84 11.70
CA MET B 165 10.10 9.23 11.82
C MET B 165 8.92 10.19 11.80
N THR B 166 7.87 9.87 11.06
CA THR B 166 6.66 10.69 11.10
C THR B 166 5.99 10.61 12.46
N ALA B 167 5.95 9.40 13.03
CA ALA B 167 5.44 9.24 14.39
C ALA B 167 6.26 10.06 15.37
N TRP B 168 7.59 10.08 15.20
CA TRP B 168 8.43 10.90 16.07
C TRP B 168 8.05 12.38 15.98
N VAL B 169 7.83 12.88 14.75
CA VAL B 169 7.40 14.27 14.59
C VAL B 169 6.13 14.53 15.37
N TRP B 170 5.13 13.67 15.20
CA TRP B 170 3.89 13.84 15.96
C TRP B 170 4.18 13.98 17.45
N GLY B 171 5.08 13.15 17.97
CA GLY B 171 5.44 13.26 19.39
C GLY B 171 6.07 14.59 19.74
N VAL B 172 6.96 15.10 18.88
CA VAL B 172 7.56 16.41 19.12
C VAL B 172 6.48 17.49 19.18
N SER B 173 5.51 17.41 18.27
CA SER B 173 4.42 18.39 18.28
C SER B 173 3.63 18.33 19.59
N ARG B 174 3.41 17.13 20.13
CA ARG B 174 2.74 17.02 21.41
C ARG B 174 3.59 17.58 22.54
N ILE B 175 4.92 17.43 22.44
CA ILE B 175 5.81 18.05 23.43
C ILE B 175 5.68 19.57 23.40
N ILE B 176 5.71 20.16 22.20
CA ILE B 176 5.55 21.61 22.13
C ILE B 176 4.16 22.03 22.61
N ASP B 177 3.12 21.29 22.24
CA ASP B 177 1.79 21.53 22.81
C ASP B 177 1.87 21.59 24.33
N ALA B 178 2.53 20.59 24.94
CA ALA B 178 2.59 20.51 26.40
C ALA B 178 3.34 21.70 27.00
N LEU B 179 4.45 22.09 26.37
CA LEU B 179 5.20 23.25 26.84
C LEU B 179 4.36 24.52 26.78
N GLU B 180 3.60 24.69 25.69
CA GLU B 180 2.77 25.89 25.54
C GLU B 180 1.65 25.96 26.58
N MET B 181 1.24 24.83 27.16
CA MET B 181 0.21 24.83 28.19
C MET B 181 0.76 24.75 29.60
N THR B 182 2.08 24.84 29.78
CA THR B 182 2.72 24.63 31.07
C THR B 182 3.70 25.75 31.39
N PRO B 183 3.18 26.92 31.82
CA PRO B 183 4.09 28.03 32.17
C PRO B 183 5.15 27.68 33.20
N THR B 184 4.86 26.75 34.12
CA THR B 184 5.85 26.42 35.14
C THR B 184 7.06 25.69 34.59
N ALA B 185 7.01 25.21 33.35
CA ALA B 185 8.19 24.64 32.73
C ALA B 185 9.25 25.69 32.43
N GLN B 186 8.89 26.97 32.48
CA GLN B 186 9.83 28.08 32.27
C GLN B 186 10.59 27.96 30.96
N ILE B 187 9.84 27.71 29.88
CA ILE B 187 10.40 27.58 28.54
C ILE B 187 9.85 28.70 27.67
N ASN B 188 10.74 29.35 26.91
CA ASN B 188 10.31 30.28 25.88
C ASN B 188 9.96 29.46 24.64
N THR B 189 8.65 29.25 24.44
CA THR B 189 8.23 28.39 23.33
C THR B 189 8.36 29.05 21.98
N GLN B 190 8.76 30.32 21.92
CA GLN B 190 9.14 30.96 20.66
C GLN B 190 10.60 30.69 20.29
N ARG B 191 11.38 30.00 21.15
CA ARG B 191 12.80 29.76 20.90
C ARG B 191 13.11 28.28 21.17
N ILE B 192 12.55 27.40 20.34
CA ILE B 192 12.73 25.95 20.45
C ILE B 192 13.54 25.47 19.25
N GLY B 193 14.60 24.71 19.53
CA GLY B 193 15.37 24.03 18.50
C GLY B 193 15.20 22.53 18.64
N VAL B 194 15.72 21.80 17.65
CA VAL B 194 15.67 20.34 17.65
C VAL B 194 17.01 19.81 17.14
N THR B 195 17.44 18.68 17.70
CA THR B 195 18.70 18.08 17.27
C THR B 195 18.66 16.58 17.46
N GLY B 196 19.53 15.90 16.73
CA GLY B 196 19.78 14.47 16.91
C GLY B 196 20.94 14.06 16.04
N CYS B 197 21.56 12.93 16.40
CA CYS B 197 22.68 12.39 15.65
C CYS B 197 22.31 11.05 15.01
N ALA B 198 22.85 10.81 13.81
CA ALA B 198 22.74 9.52 13.12
C ALA B 198 21.26 9.26 12.83
N ARG B 199 20.72 8.08 13.15
CA ARG B 199 19.30 7.83 12.89
C ARG B 199 18.42 8.87 13.57
N ASP B 200 18.83 9.34 14.75
CA ASP B 200 18.07 10.38 15.44
C ASP B 200 18.24 11.75 14.80
N GLY B 201 19.27 11.94 13.97
CA GLY B 201 19.43 13.13 13.17
C GLY B 201 18.52 13.11 11.94
N LYS B 202 18.33 11.93 11.35
CA LYS B 202 17.26 11.81 10.36
C LYS B 202 15.96 12.27 10.98
N GLY B 203 15.70 11.84 12.22
CA GLY B 203 14.48 12.22 12.89
C GLY B 203 14.40 13.72 13.13
N ALA B 204 15.49 14.33 13.60
CA ALA B 204 15.47 15.76 13.88
C ALA B 204 15.18 16.56 12.61
N LEU B 205 15.74 16.16 11.47
CA LEU B 205 15.45 16.86 10.22
C LEU B 205 13.97 16.78 9.89
N MET B 206 13.37 15.60 10.02
CA MET B 206 11.93 15.48 9.78
C MET B 206 11.13 16.39 10.72
N ALA B 207 11.53 16.45 11.99
CA ALA B 207 10.83 17.30 12.95
C ALA B 207 10.89 18.76 12.52
N GLY B 208 12.08 19.26 12.20
CA GLY B 208 12.19 20.65 11.77
C GLY B 208 11.42 20.93 10.49
N ALA B 209 11.44 20.00 9.54
CA ALA B 209 10.70 20.19 8.29
C ALA B 209 9.20 20.32 8.55
N PHE B 210 8.65 19.44 9.39
CA PHE B 210 7.19 19.30 9.47
C PHE B 210 6.54 20.06 10.62
N GLU B 211 7.29 20.46 11.64
CA GLU B 211 6.73 21.13 12.82
C GLU B 211 7.24 22.57 12.80
N GLU B 212 6.36 23.49 12.40
CA GLU B 212 6.80 24.85 12.12
C GLU B 212 7.07 25.68 13.38
N ARG B 213 6.78 25.15 14.56
CA ARG B 213 7.14 25.85 15.78
C ARG B 213 8.61 25.68 16.15
N ILE B 214 9.38 24.92 15.38
CA ILE B 214 10.81 24.74 15.64
C ILE B 214 11.58 25.86 14.94
N ALA B 215 12.25 26.70 15.73
CA ALA B 215 12.96 27.86 15.21
C ALA B 215 14.33 27.50 14.63
N LEU B 216 14.95 26.42 15.10
CA LEU B 216 16.28 26.04 14.64
C LEU B 216 16.37 24.51 14.60
N THR B 217 16.75 23.97 13.45
CA THR B 217 16.90 22.53 13.27
C THR B 217 18.37 22.19 13.08
N ILE B 218 18.85 21.18 13.83
CA ILE B 218 20.28 20.83 13.84
C ILE B 218 20.50 19.33 13.65
N PRO B 219 20.42 18.81 12.43
CA PRO B 219 20.71 17.37 12.19
C PRO B 219 22.21 17.13 12.13
N GLN B 220 22.68 16.10 12.84
CA GLN B 220 24.10 15.81 12.99
C GLN B 220 24.35 14.41 12.42
N GLU B 221 25.20 14.33 11.41
CA GLU B 221 25.59 13.07 10.77
C GLU B 221 24.38 12.19 10.45
N SER B 222 23.40 12.81 9.77
CA SER B 222 22.12 12.15 9.50
C SER B 222 22.18 11.22 8.29
N GLY B 223 23.08 11.45 7.35
CA GLY B 223 23.32 10.45 6.31
C GLY B 223 22.11 10.19 5.40
N SER B 224 22.06 8.95 4.90
CA SER B 224 21.02 8.54 3.98
C SER B 224 19.67 8.56 4.67
N GLY B 225 18.67 9.15 4.02
CA GLY B 225 17.39 9.35 4.67
C GLY B 225 17.36 10.55 5.57
N GLY B 226 18.48 11.25 5.72
CA GLY B 226 18.55 12.52 6.40
C GLY B 226 18.85 13.62 5.41
N ASP B 227 19.98 14.30 5.56
CA ASP B 227 20.34 15.39 4.64
C ASP B 227 21.01 14.92 3.36
N ALA B 228 21.08 13.62 3.11
CA ALA B 228 21.46 13.12 1.80
C ALA B 228 20.22 12.97 0.92
N CYS B 229 20.44 13.02 -0.39
CA CYS B 229 19.38 12.84 -1.37
C CYS B 229 19.39 11.40 -1.89
N TRP B 230 18.20 10.84 -2.11
CA TRP B 230 18.10 9.48 -2.63
C TRP B 230 18.80 9.35 -3.96
N ARG B 231 18.55 10.30 -4.89
CA ARG B 231 19.09 10.17 -6.25
C ARG B 231 20.62 10.22 -6.24
N LEU B 232 21.18 11.10 -5.41
CA LEU B 232 22.64 11.22 -5.37
C LEU B 232 23.28 9.99 -4.74
N SER B 233 22.63 9.40 -3.73
CA SER B 233 23.19 8.21 -3.09
C SER B 233 23.11 7.00 -4.02
N LYS B 234 22.07 6.92 -4.85
CA LYS B 234 22.03 5.89 -5.88
C LYS B 234 23.20 6.04 -6.86
N TYR B 235 23.48 7.28 -7.27
CA TYR B 235 24.64 7.53 -8.12
C TYR B 235 25.94 7.10 -7.42
N GLU B 236 26.06 7.40 -6.13
CA GLU B 236 27.27 6.99 -5.40
C GLU B 236 27.42 5.48 -5.41
N ILE B 237 26.34 4.77 -5.09
CA ILE B 237 26.43 3.32 -4.94
C ILE B 237 26.72 2.65 -6.28
N ASP B 238 26.20 3.21 -7.37
CA ASP B 238 26.45 2.69 -8.71
C ASP B 238 27.84 3.01 -9.22
N ASN B 239 28.56 3.92 -8.56
CA ASN B 239 29.87 4.38 -9.01
C ASN B 239 30.98 4.08 -8.01
N GLY B 240 30.78 3.09 -7.15
CA GLY B 240 31.88 2.50 -6.40
C GLY B 240 32.01 2.89 -4.95
N ASN B 241 31.08 3.66 -4.40
CA ASN B 241 31.11 4.00 -2.99
C ASN B 241 30.12 3.13 -2.22
N GLN B 242 30.58 2.53 -1.12
CA GLN B 242 29.71 1.72 -0.26
CA GLN B 242 29.71 1.72 -0.26
C GLN B 242 28.95 2.67 0.67
N VAL B 243 27.88 3.25 0.14
CA VAL B 243 27.03 4.17 0.90
C VAL B 243 25.72 3.47 1.21
N GLN B 244 25.02 4.03 2.20
CA GLN B 244 23.64 3.63 2.43
C GLN B 244 22.74 4.29 1.38
N ASP B 245 21.74 3.55 0.89
CA ASP B 245 20.88 4.07 -0.16
C ASP B 245 19.43 3.67 0.13
N ALA B 246 18.52 4.18 -0.72
CA ALA B 246 17.09 3.93 -0.52
C ALA B 246 16.78 2.43 -0.45
N VAL B 247 17.38 1.65 -1.33
CA VAL B 247 17.04 0.21 -1.40
C VAL B 247 17.42 -0.49 -0.10
N GLU B 248 18.63 -0.23 0.40
CA GLU B 248 19.05 -0.89 1.63
C GLU B 248 18.29 -0.38 2.84
N ILE B 249 18.00 0.92 2.88
CA ILE B 249 17.52 1.50 4.13
C ILE B 249 16.13 0.99 4.49
N VAL B 250 15.27 0.74 3.49
CA VAL B 250 13.93 0.26 3.78
C VAL B 250 13.92 -1.18 4.27
N GLY B 251 14.97 -1.96 3.96
CA GLY B 251 15.07 -3.29 4.52
C GLY B 251 15.66 -3.32 5.90
N GLU B 252 16.39 -2.25 6.29
CA GLU B 252 17.11 -2.22 7.55
C GLU B 252 16.24 -1.78 8.71
N ASN B 253 15.25 -0.92 8.46
CA ASN B 253 14.54 -0.32 9.59
C ASN B 253 13.19 0.21 9.09
N VAL B 254 12.54 1.02 9.92
CA VAL B 254 11.18 1.46 9.66
C VAL B 254 11.11 2.98 9.65
N TRP B 255 12.21 3.62 9.24
CA TRP B 255 12.23 5.07 9.21
C TRP B 255 11.38 5.67 8.09
N PHE B 256 10.91 4.86 7.13
CA PHE B 256 10.09 5.33 6.02
C PHE B 256 8.81 4.52 5.93
N SER B 257 7.83 5.06 5.21
CA SER B 257 6.58 4.33 5.06
C SER B 257 6.80 3.03 4.26
N THR B 258 5.90 2.07 4.48
CA THR B 258 5.96 0.86 3.65
C THR B 258 5.69 1.20 2.19
N ASN B 259 4.91 2.24 1.92
CA ASN B 259 4.66 2.64 0.54
C ASN B 259 5.94 3.02 -0.19
N PHE B 260 6.93 3.56 0.53
CA PHE B 260 8.20 3.93 -0.09
C PHE B 260 8.87 2.73 -0.75
N ASN B 261 8.63 1.51 -0.26
CA ASN B 261 9.21 0.34 -0.89
C ASN B 261 8.84 0.26 -2.38
N ASN B 262 7.70 0.84 -2.76
CA ASN B 262 7.27 0.83 -4.14
C ASN B 262 8.07 1.77 -5.02
N TYR B 263 8.93 2.61 -4.43
CA TYR B 263 9.66 3.62 -5.18
C TYR B 263 11.17 3.49 -5.06
N VAL B 264 11.69 2.68 -4.14
CA VAL B 264 13.14 2.69 -3.90
C VAL B 264 13.95 2.27 -5.13
N GLN B 265 13.37 1.44 -6.00
CA GLN B 265 14.03 1.03 -7.25
C GLN B 265 13.69 1.92 -8.43
N LYS B 266 12.88 2.96 -8.21
CA LYS B 266 12.36 3.81 -9.27
C LYS B 266 12.44 5.27 -8.84
N LEU B 267 13.60 5.67 -8.30
CA LEU B 267 13.70 6.99 -7.70
C LEU B 267 13.39 8.13 -8.67
N PRO B 268 13.70 8.06 -9.96
CA PRO B 268 13.35 9.17 -10.86
C PRO B 268 11.87 9.47 -10.90
N THR B 269 11.01 8.50 -10.56
CA THR B 269 9.57 8.74 -10.58
C THR B 269 9.05 9.43 -9.32
N VAL B 270 9.90 9.65 -8.32
CA VAL B 270 9.49 10.28 -7.07
C VAL B 270 9.59 11.80 -7.25
N PRO B 271 8.49 12.54 -7.16
CA PRO B 271 8.51 13.99 -7.45
C PRO B 271 9.00 14.81 -6.26
N GLU B 272 9.94 14.25 -5.51
CA GLU B 272 10.60 14.98 -4.45
C GLU B 272 11.93 14.32 -4.22
N ASP B 273 12.81 15.02 -3.52
CA ASP B 273 13.96 14.38 -2.90
C ASP B 273 14.24 15.14 -1.60
N HIS B 274 15.29 14.73 -0.90
CA HIS B 274 15.48 15.30 0.42
C HIS B 274 15.96 16.74 0.40
N HIS B 275 16.33 17.28 -0.76
CA HIS B 275 16.56 18.71 -0.82
C HIS B 275 15.25 19.48 -0.58
N LEU B 276 14.12 18.92 -1.01
CA LEU B 276 12.81 19.52 -0.74
C LEU B 276 12.37 19.29 0.69
N LEU B 277 12.69 18.10 1.26
CA LEU B 277 12.47 17.88 2.68
C LEU B 277 13.18 18.95 3.51
N ALA B 278 14.48 19.15 3.28
CA ALA B 278 15.21 20.18 4.01
C ALA B 278 14.60 21.55 3.77
N ALA B 279 14.21 21.83 2.53
CA ALA B 279 13.65 23.15 2.21
C ALA B 279 12.35 23.42 2.96
N MET B 280 11.63 22.39 3.42
CA MET B 280 10.43 22.62 4.21
C MET B 280 10.73 23.38 5.49
N VAL B 281 11.98 23.38 5.95
CA VAL B 281 12.30 24.18 7.13
C VAL B 281 12.19 25.67 6.81
N ALA B 282 12.50 26.07 5.59
CA ALA B 282 12.47 27.49 5.25
C ALA B 282 11.05 28.03 5.43
N PRO B 283 10.89 29.28 5.88
CA PRO B 283 11.94 30.29 6.11
C PRO B 283 12.55 30.30 7.52
N ARG B 284 12.39 29.19 8.25
CA ARG B 284 13.04 29.03 9.55
C ARG B 284 14.48 28.58 9.35
N ALA B 285 15.22 28.41 10.43
CA ALA B 285 16.68 28.23 10.35
C ALA B 285 17.08 26.77 10.53
N MET B 286 18.17 26.39 9.85
CA MET B 286 18.72 25.05 10.00
CA MET B 286 18.71 25.04 9.97
C MET B 286 20.20 25.07 9.67
N ILE B 287 20.98 24.35 10.47
CA ILE B 287 22.36 24.03 10.12
C ILE B 287 22.54 22.54 10.34
N SER B 288 23.06 21.85 9.34
CA SER B 288 23.34 20.43 9.47
C SER B 288 24.84 20.20 9.34
N PHE B 289 25.31 19.15 10.00
CA PHE B 289 26.72 18.84 10.09
C PHE B 289 26.94 17.42 9.57
N GLU B 290 27.95 17.25 8.72
CA GLU B 290 28.25 15.93 8.17
C GLU B 290 29.71 15.56 8.36
N ASN B 291 29.97 14.27 8.23
CA ASN B 291 31.27 13.69 8.53
C ASN B 291 31.69 12.86 7.32
N THR B 292 32.78 13.25 6.66
CA THR B 292 33.20 12.53 5.47
C THR B 292 33.98 11.26 5.78
N ASP B 293 34.34 11.02 7.04
CA ASP B 293 35.12 9.83 7.36
C ASP B 293 34.27 8.56 7.37
N TYR B 294 32.95 8.69 7.34
CA TYR B 294 32.03 7.55 7.38
CA TYR B 294 32.05 7.54 7.35
C TYR B 294 31.32 7.52 6.03
N LEU B 295 31.89 6.76 5.08
CA LEU B 295 31.33 6.69 3.74
C LEU B 295 29.87 6.24 3.74
N TRP B 296 29.48 5.41 4.70
CA TRP B 296 28.09 4.96 4.81
C TRP B 296 27.11 6.13 4.83
N LEU B 297 27.53 7.30 5.32
CA LEU B 297 26.68 8.49 5.39
C LEU B 297 26.42 9.12 4.03
N SER B 298 27.12 8.68 2.98
CA SER B 298 26.93 9.20 1.62
C SER B 298 27.36 10.67 1.53
N PRO B 299 28.66 10.94 1.69
CA PRO B 299 29.10 12.36 1.81
C PRO B 299 28.76 13.25 0.62
N MET B 300 29.09 12.82 -0.61
CA MET B 300 28.78 13.67 -1.76
C MET B 300 27.30 13.97 -1.81
N SER B 301 26.47 12.97 -1.54
CA SER B 301 25.03 13.15 -1.63
C SER B 301 24.54 14.24 -0.66
N SER B 302 25.05 14.26 0.58
CA SER B 302 24.65 15.30 1.51
C SER B 302 25.06 16.68 1.02
N PHE B 303 26.27 16.82 0.50
CA PHE B 303 26.70 18.13 0.02
C PHE B 303 25.84 18.61 -1.14
N GLY B 304 25.61 17.74 -2.13
CA GLY B 304 24.80 18.14 -3.27
C GLY B 304 23.36 18.40 -2.86
N CYS B 305 22.83 17.56 -1.97
CA CYS B 305 21.46 17.72 -1.51
C CYS B 305 21.28 19.06 -0.80
N MET B 306 22.18 19.38 0.12
CA MET B 306 22.03 20.63 0.86
C MET B 306 22.35 21.85 -0.01
N THR B 307 23.27 21.71 -0.97
CA THR B 307 23.46 22.80 -1.93
C THR B 307 22.17 23.07 -2.71
N ALA B 308 21.49 22.00 -3.11
CA ALA B 308 20.21 22.18 -3.80
C ALA B 308 19.15 22.78 -2.87
N ALA B 309 19.06 22.29 -1.64
CA ALA B 309 18.09 22.85 -0.69
C ALA B 309 18.36 24.33 -0.44
N HIS B 310 19.65 24.69 -0.40
CA HIS B 310 20.05 26.06 -0.09
C HIS B 310 19.42 27.05 -1.07
N THR B 311 19.19 26.64 -2.32
CA THR B 311 18.62 27.57 -3.29
C THR B 311 17.25 28.09 -2.85
N VAL B 312 16.52 27.37 -2.00
CA VAL B 312 15.22 27.86 -1.55
C VAL B 312 15.39 29.03 -0.58
N TRP B 313 16.28 28.87 0.40
CA TRP B 313 16.60 30.01 1.27
C TRP B 313 17.15 31.17 0.46
N GLN B 314 17.99 30.88 -0.53
CA GLN B 314 18.53 31.94 -1.40
C GLN B 314 17.40 32.68 -2.11
N GLY B 315 16.46 31.93 -2.69
CA GLY B 315 15.36 32.56 -3.40
C GLY B 315 14.46 33.37 -2.49
N LEU B 316 14.38 32.98 -1.21
CA LEU B 316 13.61 33.73 -0.22
C LEU B 316 14.39 34.90 0.37
N GLY B 317 15.63 35.10 -0.05
CA GLY B 317 16.42 36.22 0.44
C GLY B 317 16.95 36.05 1.85
N ILE B 318 17.05 34.80 2.32
CA ILE B 318 17.49 34.48 3.69
C ILE B 318 18.52 33.36 3.64
N ALA B 319 19.48 33.46 2.73
CA ALA B 319 20.48 32.40 2.58
C ALA B 319 21.18 32.06 3.90
N ASP B 320 21.48 33.07 4.72
CA ASP B 320 22.24 32.81 5.94
C ASP B 320 21.41 32.23 7.09
N SER B 321 20.13 31.91 6.84
CA SER B 321 19.37 31.09 7.78
C SER B 321 19.61 29.60 7.59
N HIS B 322 20.41 29.20 6.60
CA HIS B 322 20.67 27.80 6.33
C HIS B 322 22.17 27.58 6.20
N GLY B 323 22.70 26.64 6.99
CA GLY B 323 24.12 26.35 6.98
C GLY B 323 24.39 24.87 6.77
N PHE B 324 25.60 24.59 6.32
CA PHE B 324 26.05 23.22 6.12
C PHE B 324 27.56 23.20 6.35
N ALA B 325 28.02 22.30 7.22
CA ALA B 325 29.46 22.14 7.44
C ALA B 325 29.77 20.66 7.39
N GLN B 326 30.68 20.30 6.48
CA GLN B 326 31.04 18.90 6.26
C GLN B 326 32.56 18.78 6.35
N VAL B 327 33.02 17.96 7.30
CA VAL B 327 34.44 17.82 7.61
C VAL B 327 34.71 16.34 7.87
N GLY B 328 36.00 16.02 7.99
CA GLY B 328 36.41 14.71 8.46
C GLY B 328 37.19 14.85 9.74
N GLY B 329 37.82 13.76 10.19
CA GLY B 329 38.74 13.83 11.30
C GLY B 329 38.17 13.54 12.67
N HIS B 330 37.02 12.87 12.76
CA HIS B 330 36.47 12.53 14.07
C HIS B 330 35.56 11.32 13.97
N ALA B 331 35.34 10.67 15.11
CA ALA B 331 34.49 9.49 15.15
C ALA B 331 33.03 9.87 14.94
N HIS B 332 32.24 8.88 14.55
CA HIS B 332 30.82 9.07 14.28
C HIS B 332 30.10 9.49 15.56
N CYS B 333 29.41 10.63 15.50
CA CYS B 333 28.67 11.26 16.58
C CYS B 333 29.54 11.86 17.69
N ALA B 334 30.86 11.83 17.55
CA ALA B 334 31.71 12.63 18.42
C ALA B 334 31.77 14.05 17.86
N TRP B 335 31.63 15.03 18.73
CA TRP B 335 31.53 16.41 18.26
C TRP B 335 32.91 17.03 18.19
N PRO B 336 33.35 17.51 17.02
CA PRO B 336 34.67 18.15 16.93
C PRO B 336 34.59 19.60 17.39
N SER B 337 35.49 19.98 18.30
CA SER B 337 35.49 21.34 18.81
C SER B 337 35.64 22.37 17.71
N SER B 338 36.25 21.99 16.58
CA SER B 338 36.45 22.93 15.49
C SER B 338 35.15 23.42 14.88
N LEU B 339 34.04 22.69 15.06
CA LEU B 339 32.74 23.11 14.55
C LEU B 339 31.88 23.85 15.57
N THR B 340 32.35 23.95 16.81
CA THR B 340 31.56 24.63 17.84
C THR B 340 31.25 26.09 17.48
N PRO B 341 32.18 26.87 16.90
CA PRO B 341 31.79 28.25 16.52
C PRO B 341 30.62 28.29 15.56
N GLN B 342 30.58 27.38 14.58
CA GLN B 342 29.48 27.38 13.62
C GLN B 342 28.17 26.98 14.27
N LEU B 343 28.20 25.94 15.11
CA LEU B 343 27.02 25.54 15.86
C LEU B 343 26.52 26.69 16.73
N ASN B 344 27.43 27.31 17.48
CA ASN B 344 27.00 28.36 18.40
C ASN B 344 26.50 29.60 17.68
N ALA B 345 27.05 29.91 16.50
CA ALA B 345 26.54 31.03 15.72
C ALA B 345 25.04 30.88 15.47
N PHE B 346 24.63 29.70 15.02
CA PHE B 346 23.21 29.46 14.76
C PHE B 346 22.39 29.50 16.04
N ILE B 347 22.87 28.86 17.12
CA ILE B 347 22.14 28.91 18.39
C ILE B 347 22.04 30.35 18.90
N ASN B 348 23.16 31.09 18.84
CA ASN B 348 23.16 32.48 19.30
C ASN B 348 22.13 33.31 18.53
N ARG B 349 22.11 33.18 17.21
CA ARG B 349 21.26 34.06 16.41
C ARG B 349 19.79 33.65 16.53
N PHE B 350 19.50 32.36 16.41
CA PHE B 350 18.12 31.93 16.21
C PHE B 350 17.43 31.43 17.48
N LEU B 351 18.18 31.15 18.55
CA LEU B 351 17.56 30.81 19.82
C LEU B 351 17.84 31.81 20.94
N LEU B 352 18.98 32.50 20.92
CA LEU B 352 19.36 33.40 22.00
C LEU B 352 19.20 34.87 21.66
N ASP B 353 18.64 35.19 20.49
CA ASP B 353 18.37 36.57 20.11
C ASP B 353 19.61 37.45 20.09
N GLN B 354 20.76 36.88 19.74
CA GLN B 354 22.01 37.61 19.72
C GLN B 354 22.37 38.01 18.29
N SER B 355 23.17 39.07 18.19
CA SER B 355 23.68 39.55 16.91
C SER B 355 24.89 38.70 16.56
N ALA B 356 24.70 37.73 15.68
CA ALA B 356 25.79 36.85 15.26
C ALA B 356 25.65 36.54 13.78
N THR B 357 26.76 36.56 13.06
CA THR B 357 26.73 36.10 11.68
C THR B 357 26.58 34.59 11.64
N THR B 358 25.96 34.11 10.57
CA THR B 358 25.66 32.69 10.41
C THR B 358 25.95 32.23 8.99
N ASN B 359 27.09 32.64 8.44
CA ASN B 359 27.49 32.27 7.08
C ASN B 359 28.35 31.00 7.20
N VAL B 360 27.75 29.86 6.89
CA VAL B 360 28.41 28.56 7.07
C VAL B 360 28.00 27.66 5.90
N PHE B 361 28.93 27.44 4.97
CA PHE B 361 28.65 26.49 3.88
C PHE B 361 29.98 26.02 3.34
N THR B 362 30.44 24.85 3.81
CA THR B 362 31.79 24.39 3.52
CA THR B 362 31.79 24.39 3.53
C THR B 362 31.81 22.87 3.45
N THR B 363 32.72 22.36 2.62
CA THR B 363 32.98 20.92 2.51
C THR B 363 34.44 20.72 2.13
N ASN B 364 34.92 19.51 2.33
CA ASN B 364 36.30 19.18 1.98
C ASN B 364 36.40 18.37 0.69
N ASN B 365 35.28 18.06 0.05
CA ASN B 365 35.25 17.32 -1.21
C ASN B 365 35.82 15.91 -1.09
N GLN B 366 35.95 15.38 0.13
CA GLN B 366 36.50 14.03 0.30
C GLN B 366 35.37 13.02 0.11
N PHE B 367 35.02 12.80 -1.16
CA PHE B 367 33.80 12.09 -1.55
C PHE B 367 34.05 10.68 -2.08
N GLY B 368 35.23 10.10 -1.80
CA GLY B 368 35.47 8.75 -2.26
C GLY B 368 35.67 8.72 -3.77
N LYS B 369 35.00 7.78 -4.43
CA LYS B 369 35.19 7.54 -5.86
C LYS B 369 34.32 8.42 -6.76
N VAL B 370 33.57 9.37 -6.21
CA VAL B 370 32.67 10.16 -7.02
C VAL B 370 32.96 11.64 -6.83
N GLN B 371 32.42 12.44 -7.75
CA GLN B 371 32.53 13.90 -7.69
C GLN B 371 31.14 14.48 -7.64
N TRP B 372 31.03 15.70 -7.09
CA TRP B 372 29.82 16.50 -7.20
C TRP B 372 29.98 17.46 -8.38
N ASN B 373 29.08 17.36 -9.33
CA ASN B 373 29.01 18.27 -10.47
C ASN B 373 27.60 18.85 -10.46
N ALA B 374 27.44 20.07 -9.97
CA ALA B 374 26.10 20.63 -9.82
C ALA B 374 25.34 20.67 -11.13
N ALA B 375 26.02 20.84 -12.26
CA ALA B 375 25.34 20.92 -13.54
C ALA B 375 24.69 19.59 -13.93
N ASN B 376 25.10 18.49 -13.33
CA ASN B 376 24.49 17.19 -13.60
C ASN B 376 23.30 16.91 -12.70
N TRP B 377 22.96 17.83 -11.79
CA TRP B 377 21.92 17.55 -10.80
C TRP B 377 20.96 18.70 -10.57
N ILE B 378 21.38 19.95 -10.69
CA ILE B 378 20.56 21.12 -10.42
C ILE B 378 20.36 21.82 -11.76
N THR B 379 19.12 21.84 -12.27
CA THR B 379 18.86 22.43 -13.57
C THR B 379 18.12 23.75 -13.48
N TRP B 380 17.65 24.13 -12.30
CA TRP B 380 16.86 25.34 -12.16
C TRP B 380 17.75 26.53 -11.85
N THR B 381 17.23 27.71 -12.18
CA THR B 381 17.83 28.99 -11.87
C THR B 381 17.04 29.59 -10.72
N THR B 382 17.74 29.95 -9.66
CA THR B 382 17.06 30.42 -8.46
C THR B 382 16.40 31.77 -8.71
N PRO B 383 15.10 31.90 -8.52
CA PRO B 383 14.44 33.19 -8.67
C PRO B 383 14.57 34.00 -7.39
N THR B 384 14.38 35.31 -7.53
CA THR B 384 14.23 36.19 -6.37
C THR B 384 12.74 36.30 -6.09
N LEU B 385 12.26 35.57 -5.07
CA LEU B 385 10.84 35.57 -4.77
C LEU B 385 10.44 36.89 -4.12
N THR B 386 9.33 37.46 -4.58
CA THR B 386 8.94 38.82 -4.21
C THR B 386 7.98 38.86 -3.02
C1 NAG C . -27.74 -7.43 -28.01
C2 NAG C . -28.60 -6.17 -28.09
C3 NAG C . -28.11 -5.13 -27.10
C4 NAG C . -28.04 -5.73 -25.69
C5 NAG C . -27.24 -7.02 -25.69
C6 NAG C . -27.31 -7.74 -24.36
C7 NAG C . -29.76 -5.23 -30.04
C8 NAG C . -29.61 -4.70 -31.43
N2 NAG C . -28.63 -5.63 -29.44
O3 NAG C . -28.99 -4.01 -27.10
O4 NAG C . -27.42 -4.82 -24.79
O5 NAG C . -27.74 -7.92 -26.67
O6 NAG C . -28.66 -8.09 -24.05
O7 NAG C . -30.85 -5.29 -29.47
C1 EDO D . -8.35 -32.42 -7.96
O1 EDO D . -8.58 -33.29 -9.07
C2 EDO D . -7.60 -31.17 -8.41
O2 EDO D . -8.32 -30.51 -9.46
H11 EDO D . -7.76 -32.93 -7.19
H12 EDO D . -9.30 -32.13 -7.51
HO1 EDO D . -9.07 -34.07 -8.76
H21 EDO D . -6.60 -31.43 -8.75
H22 EDO D . -7.48 -30.48 -7.56
HO2 EDO D . -7.78 -29.79 -9.82
C1 GOL E . -23.25 -8.56 -6.12
O1 GOL E . -22.60 -9.24 -7.21
C2 GOL E . -24.50 -9.39 -5.73
O2 GOL E . -24.20 -10.54 -4.99
C3 GOL E . -25.45 -8.43 -4.93
O3 GOL E . -24.81 -8.07 -3.71
H11 GOL E . -23.53 -7.66 -6.36
H12 GOL E . -22.68 -8.47 -5.34
HO1 GOL E . -22.40 -10.02 -6.92
H2 GOL E . -24.93 -9.70 -6.54
HO2 GOL E . -24.00 -11.16 -5.53
H31 GOL E . -26.29 -8.88 -4.79
H32 GOL E . -25.64 -7.66 -5.49
HO3 GOL E . -24.74 -8.79 -3.25
C1 GOL F . -20.57 -16.50 -27.13
O1 GOL F . -20.28 -16.02 -25.85
C2 GOL F . -21.76 -15.66 -27.59
O2 GOL F . -21.44 -14.31 -27.66
C3 GOL F . -22.16 -16.26 -28.95
O3 GOL F . -21.39 -15.62 -29.93
H11 GOL F . -20.80 -17.44 -27.13
H12 GOL F . -19.82 -16.39 -27.75
HO1 GOL F . -20.99 -15.65 -25.56
H2 GOL F . -22.51 -15.73 -26.97
HO2 GOL F . -20.64 -14.22 -27.39
H31 GOL F . -23.11 -16.14 -29.07
H32 GOL F . -22.02 -17.22 -28.93
HO3 GOL F . -20.62 -15.49 -29.59
C1 GOL G . -33.30 -9.00 5.88
O1 GOL G . -33.26 -10.15 6.72
C2 GOL G . -32.01 -8.21 6.14
O2 GOL G . -30.93 -8.71 5.40
C3 GOL G . -32.32 -6.75 5.75
O3 GOL G . -32.60 -6.74 4.38
H11 GOL G . -34.06 -8.44 6.06
H12 GOL G . -33.36 -9.23 4.94
HO1 GOL G . -33.27 -9.87 7.52
H2 GOL G . -31.76 -8.27 7.07
HO2 GOL G . -30.90 -9.55 5.53
H31 GOL G . -31.57 -6.19 5.98
H32 GOL G . -33.06 -6.44 6.30
HO3 GOL G . -31.91 -7.01 3.98
C1 NAG H . -0.99 25.43 -9.27
C2 NAG H . -2.08 26.49 -9.31
C3 NAG H . -1.84 27.52 -8.21
C4 NAG H . -1.74 26.84 -6.86
C5 NAG H . -0.68 25.73 -6.88
C6 NAG H . -0.68 24.89 -5.63
C7 NAG H . -3.32 27.39 -11.23
C8 NAG H . -3.23 28.08 -12.56
N2 NAG H . -2.16 27.14 -10.61
O3 NAG H . -2.90 28.47 -8.18
O4 NAG H . -1.39 27.79 -5.86
O5 NAG H . -0.94 24.83 -7.97
O6 NAG H . -1.95 24.29 -5.41
O7 NAG H . -4.40 27.04 -10.75
C1 EDO I . 22.54 3.42 10.30
O1 EDO I . 22.20 2.55 9.22
C2 EDO I . 23.09 4.75 9.80
O2 EDO I . 22.13 5.42 8.98
H11 EDO I . 23.27 2.94 10.95
H12 EDO I . 21.64 3.61 10.90
HO1 EDO I . 22.05 1.65 9.56
H21 EDO I . 24.01 4.56 9.22
H22 EDO I . 23.36 5.38 10.65
HO2 EDO I . 22.50 6.26 8.66
C1 GOL J . 2.72 23.22 13.39
O1 GOL J . 3.57 22.78 12.29
C2 GOL J . 1.67 22.13 13.58
O2 GOL J . 2.17 20.97 14.16
C3 GOL J . 0.54 22.74 14.47
O3 GOL J . 1.12 23.16 15.69
H11 GOL J . 2.29 24.07 13.21
H12 GOL J . 3.22 23.34 14.22
HO1 GOL J . 4.06 22.16 12.60
H2 GOL J . 1.33 21.89 12.70
HO2 GOL J . 2.68 20.59 13.59
H31 GOL J . -0.15 22.06 14.59
H32 GOL J . 0.12 23.46 13.98
HO3 GOL J . 1.39 22.45 16.09
C1 GOL K . 7.84 17.90 -8.48
O1 GOL K . 8.00 18.33 -7.16
C2 GOL K . 6.51 18.48 -8.95
O2 GOL K . 6.53 19.88 -8.92
C3 GOL K . 6.26 17.92 -10.34
O3 GOL K . 6.99 18.70 -11.26
H11 GOL K . 7.83 16.93 -8.57
H12 GOL K . 8.56 18.20 -9.07
HO1 GOL K . 7.23 18.29 -6.80
H2 GOL K . 5.79 18.21 -8.35
HO2 GOL K . 7.04 20.12 -8.29
H31 GOL K . 5.31 17.93 -10.52
H32 GOL K . 6.52 16.98 -10.36
HO3 GOL K . 7.70 18.94 -10.85
C1 GOL L . 3.59 31.00 26.60
O1 GOL L . 3.96 31.26 25.26
C2 GOL L . 3.77 29.48 26.82
O2 GOL L . 5.09 29.07 26.62
C3 GOL L . 3.28 29.17 28.25
O3 GOL L . 4.20 29.73 29.18
H11 GOL L . 2.68 31.24 26.80
H12 GOL L . 4.15 31.48 27.24
HO1 GOL L . 4.78 31.45 25.26
H2 GOL L . 3.22 29.00 26.16
HO2 GOL L . 5.37 29.41 25.90
H31 GOL L . 3.19 28.21 28.35
H32 GOL L . 2.39 29.53 28.35
HO3 GOL L . 4.72 29.10 29.44
C1 GOL M . 29.61 32.22 11.02
O1 GOL M . 29.36 33.42 10.35
C2 GOL M . 30.96 32.38 11.76
O2 GOL M . 30.90 33.36 12.73
C3 GOL M . 31.24 30.98 12.34
O3 GOL M . 32.05 31.18 13.46
H11 GOL M . 29.66 31.45 10.43
H12 GOL M . 28.92 32.00 11.67
HO1 GOL M . 29.03 33.95 10.92
H2 GOL M . 31.65 32.66 11.14
HO2 GOL M . 30.30 33.15 13.29
H31 GOL M . 31.64 30.43 11.66
H32 GOL M . 30.40 30.56 12.55
HO3 GOL M . 31.62 31.67 14.01
NA NA N . 6.56 29.29 28.60
#